data_7WG0
#
_entry.id   7WG0
#
_cell.length_a   58.780
_cell.length_b   127.890
_cell.length_c   148.670
_cell.angle_alpha   90.000
_cell.angle_beta   90.000
_cell.angle_gamma   90.000
#
_symmetry.space_group_name_H-M   'P 21 21 21'
#
loop_
_entity.id
_entity.type
_entity.pdbx_description
1 polymer 'Bifunctional cytochrome P450/NADPH--P450 reductase'
2 non-polymer '(2~{S})-2-(hexadecanoylamino)-3-phenyl-propanoic acid'
3 non-polymer 'MANGANESE PROTOPORPHYRIN IX'
4 water water
#
_entity_poly.entity_id   1
_entity_poly.type   'polypeptide(L)'
_entity_poly.pdbx_seq_one_letter_code
;MASHHHHHHSGGENLYFQSGMTIKEMPQPKTFGELKNLPLLNTDKPVQALMKIADELGEIFKFEAPGRVTRYLSSQRLIK
EACDESRFDKNLSQALKFVRDFAGDGLFTSWTHEKNWKKAHNILLPSFSQQAMKGYHAMMVDIAVQLVQKWERLNADEHI
EVPEDMTRLTLDTIGLCGFNYRFNSFYRDQPHPFITSMVRALDEAMNKLQRANPDDPAYDENKRQFQEDIKVMNDLVDKI
IADRKASGEQSDDLLTHMLNGKDPETGEPLDDENIRYQIITFLIAGHETTSGLLSFALYFLVKNPHVLQKAAEEAARVLV
DPVPSYKQVKQLKYVGMVLNEALRLWPTAPAFSLYAKEDTVLGGEYPLEKGDELMVLIPQLHRDKTIWGDDVEEFRPERF
ENPSAIPQHAFKPFGNGQRACPGQQFALHEATLVLGMMLKHFDFEDHTNYELDIKETLTLKPEGFVVKAKSKKIPLGLPA
TGG
;
_entity_poly.pdbx_strand_id   A,B
#
# COMPACT_ATOMS: atom_id res chain seq x y z
N ILE A 23 27.95 -52.20 16.38
CA ILE A 23 26.50 -51.81 16.48
C ILE A 23 26.30 -50.98 17.78
N LYS A 24 26.21 -49.65 17.64
CA LYS A 24 26.20 -48.67 18.76
C LYS A 24 24.76 -48.22 19.05
N GLU A 25 24.47 -47.83 20.29
CA GLU A 25 23.16 -47.23 20.69
C GLU A 25 23.22 -45.70 20.49
N MET A 26 22.12 -45.11 19.99
CA MET A 26 21.94 -43.65 19.82
C MET A 26 21.77 -42.99 21.18
N PRO A 27 22.33 -41.78 21.33
CA PRO A 27 21.93 -40.88 22.41
C PRO A 27 20.43 -40.52 22.35
N GLN A 28 19.88 -40.10 23.48
CA GLN A 28 18.55 -39.47 23.57
C GLN A 28 18.61 -38.30 24.56
N PRO A 29 17.90 -37.19 24.26
CA PRO A 29 17.85 -36.04 25.14
C PRO A 29 16.92 -36.32 26.34
N LYS A 30 16.90 -35.40 27.28
CA LYS A 30 16.14 -35.56 28.54
C LYS A 30 14.69 -35.93 28.26
N THR A 31 14.13 -36.79 29.11
CA THR A 31 12.73 -37.23 29.02
C THR A 31 11.91 -36.66 30.18
N PHE A 32 10.59 -36.64 29.97
CA PHE A 32 9.58 -36.11 30.92
C PHE A 32 8.56 -37.20 31.19
N GLY A 33 9.01 -38.37 31.66
CA GLY A 33 8.14 -39.51 31.99
C GLY A 33 7.35 -40.00 30.79
N GLU A 34 6.04 -40.19 30.95
CA GLU A 34 5.11 -40.73 29.92
C GLU A 34 5.20 -39.88 28.64
N LEU A 35 5.56 -38.59 28.70
CA LEU A 35 5.59 -37.71 27.50
C LEU A 35 6.91 -37.91 26.73
N LYS A 36 7.82 -38.68 27.31
CA LYS A 36 9.14 -38.93 26.70
C LYS A 36 9.81 -37.59 26.31
N ASN A 37 10.20 -37.39 25.06
CA ASN A 37 10.93 -36.18 24.61
C ASN A 37 9.96 -35.08 24.17
N LEU A 38 8.64 -35.30 24.15
CA LEU A 38 7.70 -34.35 23.46
C LEU A 38 7.83 -32.93 24.02
N PRO A 39 7.91 -32.70 25.34
CA PRO A 39 7.95 -31.34 25.87
C PRO A 39 9.20 -30.57 25.43
N LEU A 40 10.14 -31.19 24.74
CA LEU A 40 11.29 -30.43 24.24
C LEU A 40 10.85 -29.55 23.06
N LEU A 41 9.75 -29.87 22.40
CA LEU A 41 9.17 -29.04 21.30
C LEU A 41 8.12 -28.09 21.85
N ASN A 42 8.00 -28.00 23.17
CA ASN A 42 7.10 -27.07 23.90
C ASN A 42 7.72 -25.65 23.83
N THR A 43 7.88 -25.14 22.62
CA THR A 43 8.67 -23.91 22.32
C THR A 43 8.17 -23.37 20.97
N ASP A 44 8.41 -22.10 20.69
CA ASP A 44 8.04 -21.43 19.42
C ASP A 44 9.24 -21.56 18.46
N LYS A 45 10.36 -22.11 18.93
CA LYS A 45 11.59 -22.34 18.09
C LYS A 45 12.07 -23.78 18.19
N PRO A 46 11.27 -24.76 17.71
CA PRO A 46 11.63 -26.18 17.80
C PRO A 46 12.90 -26.54 17.02
N VAL A 47 13.06 -26.05 15.80
CA VAL A 47 14.26 -26.42 15.00
C VAL A 47 15.49 -25.93 15.76
N GLN A 48 15.43 -24.71 16.31
CA GLN A 48 16.57 -24.13 17.05
C GLN A 48 16.86 -24.98 18.32
N ALA A 49 15.81 -25.43 19.04
CA ALA A 49 15.94 -26.32 20.23
C ALA A 49 16.58 -27.65 19.80
N LEU A 50 16.23 -28.20 18.63
CA LEU A 50 16.77 -29.46 18.09
C LEU A 50 18.21 -29.26 17.64
N MET A 51 18.55 -28.07 17.17
CA MET A 51 19.95 -27.71 16.84
C MET A 51 20.82 -27.78 18.10
N LYS A 52 20.39 -27.16 19.21
CA LYS A 52 21.09 -27.20 20.52
C LYS A 52 21.23 -28.66 21.01
N ILE A 53 20.20 -29.48 20.89
CA ILE A 53 20.29 -30.95 21.20
C ILE A 53 21.31 -31.62 20.29
N ALA A 54 21.28 -31.40 18.96
CA ALA A 54 22.29 -31.99 18.03
C ALA A 54 23.70 -31.57 18.47
N ASP A 55 23.87 -30.34 18.94
CA ASP A 55 25.21 -29.84 19.37
C ASP A 55 25.69 -30.61 20.60
N GLU A 56 24.80 -30.97 21.54
CA GLU A 56 25.08 -31.85 22.72
C GLU A 56 25.40 -33.27 22.25
N LEU A 57 24.52 -33.92 21.50
CA LEU A 57 24.51 -35.39 21.36
C LEU A 57 25.22 -35.83 20.06
N GLY A 58 25.59 -34.91 19.17
CA GLY A 58 26.37 -35.24 17.96
C GLY A 58 25.48 -35.68 16.80
N GLU A 59 26.06 -36.43 15.87
CA GLU A 59 25.54 -36.68 14.50
C GLU A 59 24.19 -37.43 14.44
N ILE A 60 23.75 -38.08 15.53
CA ILE A 60 22.43 -38.75 15.50
C ILE A 60 21.86 -38.84 16.89
N PHE A 61 20.56 -38.65 17.05
CA PHE A 61 19.84 -38.94 18.31
C PHE A 61 18.42 -39.42 17.99
N LYS A 62 17.95 -40.24 18.93
CA LYS A 62 16.59 -40.77 19.02
C LYS A 62 15.73 -39.72 19.71
N PHE A 63 14.58 -39.43 19.12
CA PHE A 63 13.55 -38.55 19.72
C PHE A 63 12.24 -39.33 19.78
N GLU A 64 11.69 -39.48 20.98
CA GLU A 64 10.43 -40.24 21.21
C GLU A 64 9.32 -39.28 21.64
N ALA A 65 8.11 -39.57 21.18
CA ALA A 65 6.83 -39.02 21.68
C ALA A 65 5.94 -40.20 22.01
N PRO A 66 4.78 -40.05 22.68
CA PRO A 66 3.87 -41.18 22.88
C PRO A 66 3.52 -41.78 21.51
N GLY A 67 3.79 -43.08 21.33
CA GLY A 67 3.49 -43.82 20.08
C GLY A 67 4.20 -43.23 18.88
N ARG A 68 5.41 -42.70 19.05
CA ARG A 68 6.25 -42.29 17.90
C ARG A 68 7.74 -42.34 18.27
N VAL A 69 8.58 -42.68 17.29
CA VAL A 69 10.03 -42.46 17.41
C VAL A 69 10.54 -41.88 16.08
N THR A 70 11.47 -40.94 16.15
CA THR A 70 12.27 -40.54 14.97
C THR A 70 13.74 -40.39 15.36
N ARG A 71 14.59 -40.27 14.35
CA ARG A 71 16.04 -40.13 14.51
C ARG A 71 16.47 -38.91 13.69
N TYR A 72 17.14 -38.00 14.39
CA TYR A 72 17.64 -36.70 13.92
C TYR A 72 19.09 -36.88 13.50
N LEU A 73 19.34 -36.72 12.20
CA LEU A 73 20.67 -36.82 11.56
C LEU A 73 21.23 -35.40 11.41
N SER A 74 22.55 -35.28 11.60
CA SER A 74 23.29 -34.00 11.63
C SER A 74 24.61 -34.09 10.85
N SER A 75 25.10 -35.28 10.52
CA SER A 75 26.43 -35.45 9.87
C SER A 75 26.23 -35.68 8.39
N GLN A 76 27.19 -35.20 7.59
CA GLN A 76 27.20 -35.53 6.15
C GLN A 76 27.41 -37.04 6.01
N ARG A 77 28.11 -37.70 6.93
CA ARG A 77 28.45 -39.14 6.82
C ARG A 77 27.14 -39.93 6.80
N LEU A 78 26.19 -39.59 7.69
CA LEU A 78 24.90 -40.32 7.80
C LEU A 78 23.87 -39.80 6.77
N ILE A 79 23.89 -38.50 6.45
CA ILE A 79 22.89 -37.88 5.53
C ILE A 79 23.21 -38.35 4.10
N LYS A 80 24.47 -38.55 3.71
CA LYS A 80 24.72 -39.04 2.33
C LYS A 80 24.12 -40.46 2.15
N GLU A 81 23.99 -41.24 3.24
CA GLU A 81 23.35 -42.59 3.17
C GLU A 81 21.84 -42.39 3.08
N ALA A 82 21.27 -41.65 4.03
CA ALA A 82 19.83 -41.30 4.09
C ALA A 82 19.32 -40.80 2.73
N CYS A 83 20.16 -40.10 1.99
CA CYS A 83 19.84 -39.55 0.65
C CYS A 83 19.98 -40.57 -0.46
N ASP A 84 20.26 -41.83 -0.12
CA ASP A 84 20.30 -42.95 -1.10
C ASP A 84 18.84 -43.32 -1.42
N GLU A 85 18.37 -42.97 -2.62
CA GLU A 85 16.95 -43.15 -3.03
C GLU A 85 16.60 -44.63 -3.15
N SER A 86 17.61 -45.50 -3.29
CA SER A 86 17.38 -46.96 -3.31
C SER A 86 17.02 -47.42 -1.90
N ARG A 87 17.40 -46.69 -0.84
CA ARG A 87 17.28 -47.18 0.57
C ARG A 87 16.21 -46.40 1.34
N PHE A 88 16.09 -45.10 1.12
CA PHE A 88 15.11 -44.25 1.81
C PHE A 88 14.28 -43.46 0.79
N ASP A 89 12.99 -43.25 1.11
CA ASP A 89 12.05 -42.37 0.37
C ASP A 89 11.61 -41.18 1.27
N LYS A 90 11.14 -40.10 0.66
CA LYS A 90 10.51 -38.94 1.36
C LYS A 90 9.43 -39.47 2.30
N ASN A 91 9.55 -39.12 3.56
CA ASN A 91 8.47 -39.32 4.55
C ASN A 91 7.79 -37.97 4.77
N LEU A 92 6.50 -38.00 5.13
CA LEU A 92 5.77 -36.83 5.69
C LEU A 92 5.95 -36.83 7.20
N SER A 93 6.70 -35.84 7.71
CA SER A 93 6.81 -35.49 9.14
C SER A 93 5.42 -35.25 9.68
N GLN A 94 5.22 -35.28 11.00
CA GLN A 94 3.97 -34.73 11.57
C GLN A 94 3.71 -33.31 11.00
N ALA A 95 4.74 -32.46 10.87
CA ALA A 95 4.62 -31.08 10.34
C ALA A 95 3.91 -31.09 8.98
N LEU A 96 4.42 -31.88 8.03
CA LEU A 96 3.88 -31.94 6.64
C LEU A 96 2.49 -32.58 6.66
N LYS A 97 2.27 -33.56 7.54
CA LYS A 97 0.95 -34.24 7.71
C LYS A 97 -0.10 -33.21 8.16
N PHE A 98 0.30 -32.22 8.95
CA PHE A 98 -0.61 -31.12 9.39
C PHE A 98 -0.79 -30.12 8.25
N VAL A 99 0.27 -29.79 7.50
CA VAL A 99 0.17 -28.86 6.34
C VAL A 99 -0.76 -29.45 5.29
N ARG A 100 -0.72 -30.78 5.15
CA ARG A 100 -1.54 -31.55 4.18
C ARG A 100 -3.03 -31.31 4.39
N ASP A 101 -3.43 -30.96 5.60
CA ASP A 101 -4.85 -30.63 5.88
C ASP A 101 -5.31 -29.45 5.01
N PHE A 102 -4.40 -28.64 4.46
CA PHE A 102 -4.75 -27.57 3.49
C PHE A 102 -4.02 -27.75 2.15
N ALA A 103 -2.84 -28.38 2.11
CA ALA A 103 -2.01 -28.58 0.88
C ALA A 103 -2.26 -29.95 0.22
N GLY A 104 -3.02 -30.82 0.87
CA GLY A 104 -3.54 -32.09 0.31
C GLY A 104 -2.44 -32.93 -0.32
N ASP A 105 -2.70 -33.46 -1.53
CA ASP A 105 -1.76 -34.31 -2.29
C ASP A 105 -1.08 -33.46 -3.37
N GLY A 106 -0.92 -32.16 -3.11
CA GLY A 106 0.05 -31.35 -3.88
C GLY A 106 1.47 -31.89 -3.79
N LEU A 107 2.39 -31.43 -4.62
CA LEU A 107 3.75 -31.99 -4.74
C LEU A 107 4.51 -32.03 -3.40
N PHE A 108 4.31 -31.11 -2.46
CA PHE A 108 5.16 -31.01 -1.25
C PHE A 108 4.67 -32.01 -0.20
N THR A 109 3.37 -32.27 -0.15
CA THR A 109 2.76 -33.06 0.95
C THR A 109 2.19 -34.37 0.40
N SER A 110 2.61 -34.80 -0.78
CA SER A 110 2.24 -36.13 -1.33
C SER A 110 3.34 -37.19 -1.08
N TRP A 111 2.90 -38.43 -0.91
CA TRP A 111 3.82 -39.60 -0.90
C TRP A 111 4.28 -39.88 -2.32
N THR A 112 5.52 -40.33 -2.47
CA THR A 112 6.09 -40.73 -3.79
C THR A 112 5.20 -41.79 -4.47
N HIS A 113 4.54 -42.65 -3.69
CA HIS A 113 3.73 -43.77 -4.23
C HIS A 113 2.29 -43.35 -4.55
N GLU A 114 1.81 -42.17 -4.14
CA GLU A 114 0.48 -41.66 -4.59
C GLU A 114 0.59 -41.35 -6.10
N LYS A 115 -0.44 -41.73 -6.85
CA LYS A 115 -0.52 -41.51 -8.31
C LYS A 115 -0.26 -40.02 -8.61
N ASN A 116 -0.90 -39.08 -7.89
CA ASN A 116 -0.81 -37.62 -8.16
C ASN A 116 0.59 -37.06 -7.98
N TRP A 117 1.47 -37.72 -7.18
CA TRP A 117 2.85 -37.24 -7.01
C TRP A 117 3.52 -37.22 -8.38
N LYS A 118 3.69 -38.36 -9.02
CA LYS A 118 4.55 -38.43 -10.24
C LYS A 118 3.82 -37.69 -11.37
N LYS A 119 2.51 -37.90 -11.48
CA LYS A 119 1.63 -37.20 -12.46
C LYS A 119 1.87 -35.68 -12.43
N ALA A 120 1.77 -35.07 -11.24
CA ALA A 120 1.93 -33.60 -11.08
C ALA A 120 3.36 -33.18 -11.45
N HIS A 121 4.30 -33.89 -10.85
CA HIS A 121 5.77 -33.70 -11.05
C HIS A 121 6.02 -33.70 -12.56
N ASN A 122 5.39 -34.63 -13.30
CA ASN A 122 5.67 -34.77 -14.76
C ASN A 122 5.03 -33.56 -15.42
N ILE A 123 3.79 -33.25 -15.02
CA ILE A 123 3.00 -32.19 -15.69
C ILE A 123 3.68 -30.84 -15.44
N LEU A 124 4.25 -30.61 -14.25
CA LEU A 124 4.62 -29.24 -13.80
C LEU A 124 6.11 -28.93 -13.96
N LEU A 125 6.97 -29.90 -14.24
CA LEU A 125 8.42 -29.56 -14.31
C LEU A 125 8.73 -28.68 -15.52
N PRO A 126 8.11 -28.82 -16.71
CA PRO A 126 8.42 -27.91 -17.83
C PRO A 126 8.15 -26.42 -17.55
N SER A 127 7.35 -26.10 -16.54
CA SER A 127 7.21 -24.74 -15.95
C SER A 127 8.56 -24.20 -15.49
N PHE A 128 9.62 -25.02 -15.47
CA PHE A 128 10.96 -24.68 -14.93
C PHE A 128 12.07 -24.94 -15.93
N SER A 129 11.70 -25.09 -17.20
CA SER A 129 12.62 -25.09 -18.35
C SER A 129 13.35 -23.75 -18.42
N GLN A 130 14.47 -23.70 -19.14
CA GLN A 130 15.27 -22.46 -19.34
C GLN A 130 14.42 -21.49 -20.17
N GLN A 131 13.55 -21.99 -21.06
CA GLN A 131 12.70 -21.12 -21.91
C GLN A 131 11.65 -20.45 -21.01
N ALA A 132 11.19 -21.14 -19.96
CA ALA A 132 10.14 -20.63 -19.05
C ALA A 132 10.77 -19.57 -18.16
N MET A 133 11.95 -19.89 -17.60
CA MET A 133 12.75 -18.96 -16.75
C MET A 133 12.92 -17.64 -17.51
N LYS A 134 13.36 -17.68 -18.77
CA LYS A 134 13.59 -16.44 -19.56
C LYS A 134 12.26 -15.70 -19.69
N GLY A 135 11.15 -16.43 -19.73
CA GLY A 135 9.81 -15.84 -19.77
C GLY A 135 9.42 -15.18 -18.47
N TYR A 136 9.77 -15.76 -17.32
CA TYR A 136 9.44 -15.22 -15.97
C TYR A 136 10.26 -13.96 -15.67
N HIS A 137 11.46 -13.86 -16.25
CA HIS A 137 12.43 -12.82 -15.88
C HIS A 137 11.72 -11.45 -15.82
N ALA A 138 11.05 -11.06 -16.91
CA ALA A 138 10.43 -9.71 -17.07
C ALA A 138 9.41 -9.51 -15.94
N MET A 139 8.64 -10.55 -15.58
CA MET A 139 7.68 -10.46 -14.46
C MET A 139 8.39 -10.27 -13.11
N MET A 140 9.58 -10.85 -12.95
CA MET A 140 10.33 -10.78 -11.70
C MET A 140 10.84 -9.36 -11.60
N VAL A 141 11.29 -8.81 -12.72
CA VAL A 141 11.82 -7.43 -12.78
C VAL A 141 10.68 -6.48 -12.38
N ASP A 142 9.44 -6.76 -12.81
CA ASP A 142 8.22 -5.96 -12.52
C ASP A 142 8.08 -5.82 -11.02
N ILE A 143 8.15 -6.91 -10.26
CA ILE A 143 7.96 -6.84 -8.79
C ILE A 143 9.21 -6.19 -8.16
N ALA A 144 10.38 -6.44 -8.74
CA ALA A 144 11.64 -5.97 -8.14
C ALA A 144 11.68 -4.45 -8.24
N VAL A 145 11.27 -3.93 -9.38
CA VAL A 145 11.18 -2.46 -9.59
C VAL A 145 10.21 -1.86 -8.58
N GLN A 146 9.11 -2.53 -8.29
CA GLN A 146 8.14 -2.02 -7.28
C GLN A 146 8.85 -1.95 -5.92
N LEU A 147 9.72 -2.92 -5.61
CA LEU A 147 10.52 -2.90 -4.35
C LEU A 147 11.51 -1.73 -4.33
N VAL A 148 12.28 -1.53 -5.40
CA VAL A 148 13.30 -0.45 -5.40
C VAL A 148 12.58 0.91 -5.28
N GLN A 149 11.47 1.10 -6.01
CA GLN A 149 10.69 2.36 -6.01
C GLN A 149 10.14 2.60 -4.62
N LYS A 150 9.59 1.58 -3.97
CA LYS A 150 9.12 1.77 -2.58
C LYS A 150 10.26 2.39 -1.78
N TRP A 151 11.47 1.85 -1.91
CA TRP A 151 12.59 2.20 -1.00
C TRP A 151 13.15 3.56 -1.39
N GLU A 152 13.30 3.84 -2.69
CA GLU A 152 13.67 5.16 -3.26
C GLU A 152 12.72 6.26 -2.74
N ARG A 153 11.45 5.91 -2.50
CA ARG A 153 10.35 6.86 -2.18
C ARG A 153 10.26 7.07 -0.68
N LEU A 154 11.04 6.36 0.13
CA LEU A 154 10.95 6.57 1.59
C LEU A 154 11.51 7.97 1.87
N ASN A 155 11.07 8.59 2.96
CA ASN A 155 11.59 9.88 3.49
C ASN A 155 12.83 9.63 4.34
N ALA A 156 13.66 10.66 4.52
CA ALA A 156 14.90 10.60 5.32
C ALA A 156 14.58 9.95 6.68
N ASP A 157 15.39 8.97 7.07
CA ASP A 157 15.38 8.35 8.42
C ASP A 157 14.19 7.40 8.65
N GLU A 158 13.41 7.11 7.61
CA GLU A 158 12.44 5.98 7.63
C GLU A 158 13.25 4.71 7.36
N HIS A 159 12.87 3.63 8.04
CA HIS A 159 13.55 2.32 7.91
C HIS A 159 12.68 1.36 7.09
N ILE A 160 13.29 0.24 6.77
CA ILE A 160 12.73 -0.87 5.99
C ILE A 160 12.47 -2.00 6.97
N GLU A 161 11.26 -2.55 6.94
CA GLU A 161 10.93 -3.82 7.59
C GLU A 161 11.28 -4.92 6.59
N VAL A 162 12.41 -5.60 6.80
CA VAL A 162 13.09 -6.43 5.76
C VAL A 162 12.25 -7.68 5.46
N PRO A 163 11.94 -8.56 6.42
CA PRO A 163 11.15 -9.76 6.11
C PRO A 163 9.78 -9.37 5.52
N GLU A 164 9.14 -8.31 6.06
CA GLU A 164 7.79 -7.89 5.60
C GLU A 164 7.89 -7.53 4.11
N ASP A 165 8.93 -6.79 3.71
CA ASP A 165 9.11 -6.33 2.31
C ASP A 165 9.56 -7.49 1.40
N MET A 166 10.40 -8.38 1.88
CA MET A 166 10.84 -9.54 1.05
C MET A 166 9.63 -10.45 0.75
N THR A 167 8.73 -10.58 1.71
CA THR A 167 7.48 -11.35 1.57
C THR A 167 6.56 -10.62 0.58
N ARG A 168 6.56 -9.29 0.56
CA ARG A 168 5.80 -8.53 -0.47
C ARG A 168 6.33 -8.95 -1.84
N LEU A 169 7.65 -9.01 -1.99
CA LEU A 169 8.23 -9.26 -3.33
C LEU A 169 7.95 -10.71 -3.75
N THR A 170 8.24 -11.66 -2.86
CA THR A 170 8.24 -13.10 -3.20
C THR A 170 6.80 -13.55 -3.45
N LEU A 171 5.85 -13.13 -2.63
CA LEU A 171 4.44 -13.49 -2.91
C LEU A 171 4.01 -12.84 -4.22
N ASP A 172 4.28 -11.55 -4.39
CA ASP A 172 3.87 -10.91 -5.66
C ASP A 172 4.53 -11.68 -6.80
N THR A 173 5.78 -12.08 -6.67
CA THR A 173 6.54 -12.64 -7.80
C THR A 173 5.95 -13.98 -8.22
N ILE A 174 5.59 -14.85 -7.27
CA ILE A 174 5.03 -16.20 -7.57
C ILE A 174 3.59 -16.06 -8.08
N GLY A 175 2.79 -15.16 -7.47
CA GLY A 175 1.46 -14.78 -8.00
C GLY A 175 1.52 -14.41 -9.48
N LEU A 176 2.49 -13.59 -9.87
CA LEU A 176 2.57 -13.02 -11.23
C LEU A 176 3.12 -14.08 -12.19
N CYS A 177 4.33 -14.57 -11.91
CA CYS A 177 5.04 -15.64 -12.67
C CYS A 177 4.19 -16.91 -12.76
N GLY A 178 3.68 -17.41 -11.64
CA GLY A 178 2.95 -18.69 -11.63
C GLY A 178 1.54 -18.59 -12.23
N PHE A 179 0.76 -17.56 -11.85
CA PHE A 179 -0.72 -17.51 -11.99
C PHE A 179 -1.21 -16.21 -12.64
N ASN A 180 -0.27 -15.39 -13.15
CA ASN A 180 -0.52 -14.06 -13.76
C ASN A 180 -1.60 -13.35 -12.94
N TYR A 181 -1.51 -13.45 -11.62
CA TYR A 181 -2.37 -12.83 -10.59
C TYR A 181 -1.57 -11.81 -9.78
N ARG A 182 -2.06 -10.57 -9.65
CA ARG A 182 -1.39 -9.52 -8.86
C ARG A 182 -1.95 -9.49 -7.41
N PHE A 183 -1.14 -9.85 -6.41
CA PHE A 183 -1.52 -9.69 -4.98
C PHE A 183 -1.34 -8.22 -4.62
N ASN A 184 -0.56 -7.48 -5.41
CA ASN A 184 -0.43 -6.02 -5.22
C ASN A 184 -0.06 -5.74 -3.76
N SER A 185 0.95 -6.44 -3.27
CA SER A 185 1.41 -6.43 -1.86
C SER A 185 2.04 -5.06 -1.50
N PHE A 186 2.64 -4.38 -2.49
CA PHE A 186 3.31 -3.09 -2.24
C PHE A 186 2.26 -1.95 -2.17
N TYR A 187 0.96 -2.21 -2.39
CA TYR A 187 -0.19 -1.26 -2.23
C TYR A 187 -0.86 -1.48 -0.87
N ARG A 188 -0.24 -2.34 -0.03
CA ARG A 188 -0.72 -2.60 1.36
C ARG A 188 0.38 -2.30 2.38
N ASP A 189 0.00 -1.68 3.50
CA ASP A 189 0.94 -1.36 4.63
C ASP A 189 0.75 -2.44 5.71
N GLN A 190 -0.29 -3.25 5.54
CA GLN A 190 -0.63 -4.44 6.35
C GLN A 190 -0.24 -5.64 5.48
N PRO A 191 -0.07 -6.88 6.01
CA PRO A 191 0.15 -8.04 5.13
C PRO A 191 -1.13 -8.42 4.35
N HIS A 192 -0.97 -8.91 3.10
CA HIS A 192 -2.08 -9.47 2.28
C HIS A 192 -2.88 -10.43 3.17
N PRO A 193 -4.22 -10.52 3.11
CA PRO A 193 -4.95 -11.43 3.99
C PRO A 193 -4.49 -12.90 3.83
N PHE A 194 -4.09 -13.30 2.62
CA PHE A 194 -3.60 -14.66 2.29
C PHE A 194 -2.41 -14.99 3.20
N ILE A 195 -1.44 -14.07 3.27
CA ILE A 195 -0.23 -14.13 4.16
C ILE A 195 -0.66 -14.30 5.62
N THR A 196 -1.56 -13.47 6.12
CA THR A 196 -2.03 -13.56 7.53
C THR A 196 -2.57 -14.98 7.78
N SER A 197 -3.35 -15.55 6.86
CA SER A 197 -4.00 -16.87 7.04
C SER A 197 -3.00 -18.04 6.89
N MET A 198 -2.14 -17.94 5.89
CA MET A 198 -1.03 -18.89 5.64
C MET A 198 -0.15 -18.95 6.90
N VAL A 199 0.34 -17.79 7.36
CA VAL A 199 1.31 -17.68 8.47
C VAL A 199 0.72 -18.33 9.72
N ARG A 200 -0.58 -18.14 9.97
CA ARG A 200 -1.26 -18.65 11.20
C ARG A 200 -1.64 -20.13 11.02
N ALA A 201 -1.74 -20.60 9.77
CA ALA A 201 -1.94 -22.04 9.44
C ALA A 201 -0.64 -22.81 9.73
N LEU A 202 0.47 -22.34 9.17
CA LEU A 202 1.83 -22.87 9.43
C LEU A 202 2.13 -22.80 10.93
N ASP A 203 1.65 -21.75 11.60
CA ASP A 203 1.86 -21.59 13.06
C ASP A 203 1.11 -22.71 13.79
N GLU A 204 -0.14 -22.94 13.43
CA GLU A 204 -0.98 -23.98 14.09
C GLU A 204 -0.40 -25.38 13.82
N ALA A 205 0.08 -25.64 12.59
CA ALA A 205 0.76 -26.89 12.20
C ALA A 205 1.90 -27.15 13.18
N MET A 206 2.74 -26.12 13.40
CA MET A 206 3.92 -26.21 14.29
C MET A 206 3.46 -26.37 15.75
N ASN A 207 2.42 -25.66 16.19
CA ASN A 207 2.05 -25.65 17.63
C ASN A 207 1.32 -26.97 17.93
N LYS A 208 0.73 -27.64 16.93
CA LYS A 208 0.10 -28.98 17.15
C LYS A 208 1.19 -30.00 17.53
N LEU A 209 2.40 -29.90 16.94
CA LEU A 209 3.49 -30.91 17.07
C LEU A 209 3.72 -31.25 18.54
N GLN A 210 3.76 -30.19 19.36
CA GLN A 210 4.18 -30.24 20.79
C GLN A 210 3.01 -30.71 21.64
N ARG A 211 1.79 -30.78 21.10
CA ARG A 211 0.55 -31.04 21.88
C ARG A 211 0.40 -32.53 22.24
N ALA A 212 0.58 -32.86 23.54
CA ALA A 212 0.30 -34.18 24.15
C ALA A 212 -1.18 -34.58 23.92
N ASN A 213 -2.11 -33.65 24.18
CA ASN A 213 -3.57 -33.87 24.23
C ASN A 213 -4.24 -33.01 23.16
N PRO A 214 -4.08 -33.34 21.86
CA PRO A 214 -4.58 -32.45 20.80
C PRO A 214 -6.10 -32.21 20.81
N ASP A 215 -6.93 -33.14 21.32
CA ASP A 215 -8.40 -33.02 21.28
C ASP A 215 -8.96 -32.46 22.60
N ASP A 216 -8.08 -31.98 23.50
CA ASP A 216 -8.45 -31.17 24.69
C ASP A 216 -9.23 -29.97 24.18
N PRO A 217 -10.50 -29.75 24.62
CA PRO A 217 -11.28 -28.56 24.21
C PRO A 217 -10.67 -27.15 24.38
N ALA A 218 -9.51 -27.00 25.05
CA ALA A 218 -8.71 -25.75 25.15
C ALA A 218 -8.09 -25.36 23.81
N TYR A 219 -8.24 -26.22 22.78
CA TYR A 219 -7.73 -26.04 21.39
C TYR A 219 -8.89 -25.93 20.40
N ASP A 220 -10.15 -25.98 20.88
CA ASP A 220 -11.41 -25.88 20.09
C ASP A 220 -11.42 -24.58 19.26
N GLU A 221 -10.83 -23.50 19.80
CA GLU A 221 -10.64 -22.19 19.12
C GLU A 221 -9.68 -22.40 17.95
N ASN A 222 -8.42 -22.74 18.25
CA ASN A 222 -7.31 -22.98 17.28
C ASN A 222 -7.82 -23.75 16.06
N LYS A 223 -8.65 -24.76 16.29
CA LYS A 223 -9.28 -25.63 15.26
C LYS A 223 -10.17 -24.76 14.38
N ARG A 224 -10.99 -23.88 14.94
CA ARG A 224 -11.94 -23.03 14.18
C ARG A 224 -11.18 -21.94 13.40
N GLN A 225 -10.10 -21.39 14.00
CA GLN A 225 -9.21 -20.37 13.39
C GLN A 225 -8.46 -21.00 12.20
N PHE A 226 -7.97 -22.25 12.39
CA PHE A 226 -7.32 -23.08 11.35
C PHE A 226 -8.29 -23.29 10.18
N GLN A 227 -9.54 -23.68 10.46
CA GLN A 227 -10.58 -23.83 9.39
C GLN A 227 -10.79 -22.48 8.68
N GLU A 228 -10.93 -21.39 9.44
CA GLU A 228 -11.15 -20.05 8.87
C GLU A 228 -9.99 -19.75 7.92
N ASP A 229 -8.74 -19.90 8.39
CA ASP A 229 -7.49 -19.66 7.63
C ASP A 229 -7.46 -20.52 6.35
N ILE A 230 -7.98 -21.75 6.38
CA ILE A 230 -8.04 -22.62 5.15
C ILE A 230 -9.07 -22.03 4.17
N LYS A 231 -10.19 -21.46 4.64
CA LYS A 231 -11.23 -20.82 3.76
C LYS A 231 -10.66 -19.62 3.00
N VAL A 232 -9.95 -18.72 3.68
CA VAL A 232 -9.24 -17.56 3.06
C VAL A 232 -8.42 -18.13 1.88
N MET A 233 -7.53 -19.11 2.17
CA MET A 233 -6.57 -19.67 1.19
C MET A 233 -7.34 -20.26 0.00
N ASN A 234 -8.39 -21.04 0.24
CA ASN A 234 -9.25 -21.60 -0.84
C ASN A 234 -10.02 -20.49 -1.57
N ASP A 235 -10.50 -19.44 -0.87
CA ASP A 235 -11.23 -18.32 -1.51
C ASP A 235 -10.31 -17.69 -2.57
N LEU A 236 -9.05 -17.40 -2.22
CA LEU A 236 -8.05 -16.81 -3.16
C LEU A 236 -7.74 -17.76 -4.34
N VAL A 237 -7.75 -19.06 -4.09
CA VAL A 237 -7.58 -20.10 -5.16
C VAL A 237 -8.73 -19.99 -6.17
N ASP A 238 -9.98 -19.90 -5.68
CA ASP A 238 -11.21 -19.70 -6.48
C ASP A 238 -11.02 -18.49 -7.42
N LYS A 239 -10.53 -17.37 -6.90
CA LYS A 239 -10.33 -16.10 -7.65
C LYS A 239 -9.23 -16.29 -8.70
N ILE A 240 -8.13 -16.98 -8.36
CA ILE A 240 -7.01 -17.21 -9.33
C ILE A 240 -7.56 -18.01 -10.52
N ILE A 241 -8.44 -18.99 -10.25
CA ILE A 241 -8.90 -19.98 -11.27
C ILE A 241 -9.95 -19.33 -12.17
N ALA A 242 -10.90 -18.62 -11.56
CA ALA A 242 -11.94 -17.79 -12.22
C ALA A 242 -11.28 -16.77 -13.14
N ASP A 243 -10.31 -16.00 -12.61
CA ASP A 243 -9.56 -14.93 -13.32
C ASP A 243 -8.92 -15.54 -14.59
N ARG A 244 -8.39 -16.79 -14.55
CA ARG A 244 -7.74 -17.44 -15.74
C ARG A 244 -8.78 -18.05 -16.71
N LYS A 245 -9.82 -18.73 -16.22
CA LYS A 245 -10.82 -19.45 -17.09
C LYS A 245 -11.65 -18.38 -17.83
N ALA A 246 -11.73 -17.15 -17.30
CA ALA A 246 -12.21 -15.90 -17.95
C ALA A 246 -11.39 -15.62 -19.23
N SER A 247 -10.09 -15.36 -19.08
CA SER A 247 -9.14 -14.97 -20.17
C SER A 247 -8.81 -16.17 -21.10
N GLY A 248 -8.53 -17.35 -20.51
CA GLY A 248 -8.25 -18.62 -21.21
C GLY A 248 -6.86 -18.65 -21.83
N GLU A 249 -5.87 -18.01 -21.17
CA GLU A 249 -4.62 -17.46 -21.77
C GLU A 249 -3.77 -18.57 -22.40
N GLN A 250 -3.23 -19.46 -21.58
CA GLN A 250 -2.12 -20.41 -21.95
C GLN A 250 -0.79 -19.62 -22.06
N SER A 251 -0.42 -18.94 -20.96
CA SER A 251 0.67 -17.92 -20.85
C SER A 251 2.02 -18.64 -20.72
N ASP A 252 2.07 -19.94 -21.04
CA ASP A 252 3.21 -20.88 -20.82
C ASP A 252 3.72 -20.79 -19.36
N ASP A 253 2.82 -20.48 -18.40
CA ASP A 253 3.14 -20.41 -16.94
C ASP A 253 2.60 -21.63 -16.18
N LEU A 254 2.85 -21.65 -14.89
CA LEU A 254 2.59 -22.80 -13.98
C LEU A 254 1.11 -23.17 -14.06
N LEU A 255 0.25 -22.14 -14.13
CA LEU A 255 -1.21 -22.38 -14.10
C LEU A 255 -1.65 -22.99 -15.43
N THR A 256 -1.06 -22.53 -16.53
CA THR A 256 -1.31 -23.11 -17.87
C THR A 256 -1.11 -24.63 -17.82
N HIS A 257 0.04 -25.08 -17.34
CA HIS A 257 0.35 -26.52 -17.26
C HIS A 257 -0.59 -27.21 -16.28
N MET A 258 -0.85 -26.62 -15.12
CA MET A 258 -1.79 -27.22 -14.14
C MET A 258 -3.13 -27.52 -14.83
N LEU A 259 -3.64 -26.59 -15.65
CA LEU A 259 -4.99 -26.69 -16.28
C LEU A 259 -4.95 -27.44 -17.63
N ASN A 260 -3.79 -27.59 -18.28
CA ASN A 260 -3.78 -27.98 -19.70
C ASN A 260 -2.78 -29.11 -19.99
N GLY A 261 -1.72 -29.21 -19.18
CA GLY A 261 -0.71 -30.29 -19.23
C GLY A 261 -1.32 -31.67 -19.02
N LYS A 262 -0.89 -32.59 -19.89
CA LYS A 262 -1.12 -34.04 -19.76
C LYS A 262 0.18 -34.68 -19.30
N ASP A 263 0.11 -35.57 -18.32
CA ASP A 263 1.28 -36.36 -17.87
C ASP A 263 1.62 -37.34 -18.97
N PRO A 264 2.86 -37.39 -19.52
CA PRO A 264 3.17 -38.29 -20.64
C PRO A 264 3.08 -39.79 -20.28
N GLU A 265 3.14 -40.09 -19.01
CA GLU A 265 3.03 -41.46 -18.49
C GLU A 265 1.57 -41.92 -18.60
N THR A 266 0.70 -41.38 -17.74
CA THR A 266 -0.75 -41.71 -17.67
C THR A 266 -1.52 -41.08 -18.85
N GLY A 267 -0.99 -40.06 -19.52
CA GLY A 267 -1.72 -39.26 -20.53
C GLY A 267 -2.85 -38.42 -19.94
N GLU A 268 -3.02 -38.43 -18.61
CA GLU A 268 -4.12 -37.72 -17.91
C GLU A 268 -3.70 -36.29 -17.56
N PRO A 269 -4.64 -35.34 -17.52
CA PRO A 269 -4.43 -34.04 -16.87
C PRO A 269 -4.70 -34.15 -15.36
N LEU A 270 -4.32 -33.14 -14.59
CA LEU A 270 -4.68 -33.03 -13.14
C LEU A 270 -6.21 -32.88 -13.04
N ASP A 271 -6.83 -33.43 -12.02
CA ASP A 271 -8.26 -33.21 -11.70
C ASP A 271 -8.39 -31.87 -10.98
N ASP A 272 -9.63 -31.42 -10.73
CA ASP A 272 -9.89 -30.10 -10.14
C ASP A 272 -9.39 -30.06 -8.70
N GLU A 273 -9.63 -31.10 -7.93
CA GLU A 273 -9.23 -31.13 -6.51
C GLU A 273 -7.70 -31.03 -6.40
N ASN A 274 -6.93 -31.67 -7.28
CA ASN A 274 -5.45 -31.65 -7.20
C ASN A 274 -4.92 -30.27 -7.63
N ILE A 275 -5.48 -29.66 -8.67
CA ILE A 275 -5.06 -28.29 -9.10
C ILE A 275 -5.17 -27.29 -7.91
N ARG A 276 -6.25 -27.37 -7.14
CA ARG A 276 -6.51 -26.47 -5.99
C ARG A 276 -5.33 -26.64 -5.05
N TYR A 277 -4.98 -27.87 -4.72
CA TYR A 277 -3.91 -28.17 -3.75
C TYR A 277 -2.56 -27.71 -4.33
N GLN A 278 -2.35 -27.89 -5.63
CA GLN A 278 -1.10 -27.45 -6.30
C GLN A 278 -0.97 -25.91 -6.17
N ILE A 279 -2.08 -25.17 -6.26
CA ILE A 279 -2.05 -23.67 -6.25
C ILE A 279 -1.68 -23.22 -4.84
N ILE A 280 -2.39 -23.76 -3.85
CA ILE A 280 -2.05 -23.57 -2.42
C ILE A 280 -0.58 -23.89 -2.25
N THR A 281 -0.12 -25.00 -2.81
CA THR A 281 1.25 -25.52 -2.59
C THR A 281 2.28 -24.57 -3.19
N PHE A 282 2.08 -24.18 -4.44
CA PHE A 282 3.07 -23.31 -5.15
C PHE A 282 3.03 -21.88 -4.59
N LEU A 283 1.90 -21.42 -4.05
CA LEU A 283 1.84 -20.05 -3.48
C LEU A 283 2.69 -20.02 -2.22
N ILE A 284 2.57 -21.03 -1.39
CA ILE A 284 3.29 -21.07 -0.09
C ILE A 284 4.75 -21.42 -0.34
N ALA A 285 5.05 -22.53 -1.00
CA ALA A 285 6.45 -22.99 -1.18
C ALA A 285 7.14 -22.06 -2.15
N GLY A 286 6.37 -21.57 -3.10
CA GLY A 286 6.88 -20.65 -4.15
C GLY A 286 7.28 -19.27 -3.61
N HIS A 287 7.00 -18.90 -2.36
CA HIS A 287 7.45 -17.55 -1.90
C HIS A 287 8.07 -17.52 -0.48
N GLU A 288 7.58 -18.29 0.49
CA GLU A 288 7.89 -18.09 1.92
C GLU A 288 9.39 -18.26 2.20
N THR A 289 9.98 -19.34 1.69
CA THR A 289 11.39 -19.74 1.90
C THR A 289 12.32 -18.82 1.10
N THR A 290 11.87 -18.29 -0.04
CA THR A 290 12.70 -17.32 -0.80
C THR A 290 12.76 -15.98 -0.05
N SER A 291 11.67 -15.67 0.63
CA SER A 291 11.49 -14.49 1.50
C SER A 291 12.50 -14.58 2.65
N GLY A 292 12.56 -15.73 3.32
CA GLY A 292 13.56 -15.98 4.37
C GLY A 292 15.00 -15.84 3.85
N LEU A 293 15.26 -16.41 2.67
CA LEU A 293 16.60 -16.41 2.06
C LEU A 293 17.02 -14.96 1.91
N LEU A 294 16.22 -14.14 1.23
CA LEU A 294 16.58 -12.71 1.02
C LEU A 294 16.72 -12.01 2.38
N SER A 295 15.85 -12.31 3.34
CA SER A 295 15.95 -11.72 4.70
C SER A 295 17.32 -12.04 5.34
N PHE A 296 17.68 -13.32 5.39
CA PHE A 296 18.97 -13.82 5.92
C PHE A 296 20.12 -13.28 5.07
N ALA A 297 20.00 -13.27 3.76
CA ALA A 297 21.12 -12.76 2.92
C ALA A 297 21.41 -11.32 3.30
N LEU A 298 20.37 -10.52 3.52
CA LEU A 298 20.58 -9.08 3.82
C LEU A 298 21.12 -8.88 5.25
N TYR A 299 20.62 -9.68 6.20
CA TYR A 299 21.18 -9.73 7.58
C TYR A 299 22.68 -10.00 7.46
N PHE A 300 23.10 -11.05 6.75
CA PHE A 300 24.55 -11.41 6.80
C PHE A 300 25.36 -10.29 6.13
N LEU A 301 24.78 -9.68 5.09
CA LEU A 301 25.56 -8.67 4.34
C LEU A 301 25.81 -7.49 5.29
N VAL A 302 24.81 -7.04 6.05
CA VAL A 302 25.00 -5.81 6.86
C VAL A 302 25.95 -6.10 8.04
N LYS A 303 25.97 -7.33 8.59
CA LYS A 303 26.85 -7.77 9.72
C LYS A 303 28.26 -8.12 9.22
N ASN A 304 28.50 -8.11 7.89
CA ASN A 304 29.77 -8.54 7.23
C ASN A 304 30.13 -7.57 6.10
N PRO A 305 30.55 -6.34 6.44
CA PRO A 305 30.72 -5.27 5.45
C PRO A 305 31.68 -5.56 4.29
N HIS A 306 32.76 -6.34 4.52
CA HIS A 306 33.71 -6.73 3.44
C HIS A 306 32.91 -7.46 2.34
N VAL A 307 32.05 -8.39 2.77
CA VAL A 307 31.21 -9.27 1.88
C VAL A 307 30.15 -8.41 1.17
N LEU A 308 29.53 -7.48 1.91
CA LEU A 308 28.56 -6.49 1.36
C LEU A 308 29.24 -5.73 0.24
N GLN A 309 30.46 -5.22 0.47
CA GLN A 309 31.15 -4.34 -0.50
C GLN A 309 31.48 -5.18 -1.75
N LYS A 310 31.89 -6.45 -1.56
CA LYS A 310 32.26 -7.31 -2.72
C LYS A 310 31.03 -7.59 -3.57
N ALA A 311 29.90 -7.85 -2.92
CA ALA A 311 28.60 -8.08 -3.61
C ALA A 311 28.11 -6.79 -4.31
N ALA A 312 28.27 -5.63 -3.66
CA ALA A 312 27.80 -4.33 -4.17
C ALA A 312 28.64 -3.96 -5.38
N GLU A 313 29.93 -4.29 -5.35
CA GLU A 313 30.82 -3.97 -6.47
C GLU A 313 30.38 -4.83 -7.65
N GLU A 314 30.00 -6.08 -7.40
CA GLU A 314 29.62 -6.98 -8.52
C GLU A 314 28.33 -6.45 -9.12
N ALA A 315 27.34 -6.14 -8.28
CA ALA A 315 26.04 -5.60 -8.73
C ALA A 315 26.29 -4.40 -9.66
N ALA A 316 27.13 -3.45 -9.24
CA ALA A 316 27.30 -2.13 -9.93
C ALA A 316 27.96 -2.38 -11.28
N ARG A 317 28.97 -3.27 -11.30
CA ARG A 317 29.76 -3.62 -12.51
C ARG A 317 28.92 -4.41 -13.51
N VAL A 318 28.08 -5.34 -13.07
CA VAL A 318 27.34 -6.28 -13.97
C VAL A 318 26.03 -5.67 -14.50
N LEU A 319 25.21 -5.07 -13.62
CA LEU A 319 23.86 -4.48 -13.90
C LEU A 319 23.99 -3.05 -14.47
N VAL A 320 24.50 -2.96 -15.70
CA VAL A 320 24.86 -1.67 -16.36
C VAL A 320 23.61 -0.98 -16.91
N ASP A 321 22.50 -1.72 -17.07
CA ASP A 321 21.23 -1.28 -17.68
C ASP A 321 20.25 -0.91 -16.59
N PRO A 322 19.34 0.06 -16.85
CA PRO A 322 18.33 0.45 -15.88
C PRO A 322 17.52 -0.76 -15.39
N VAL A 323 17.35 -1.74 -16.27
CA VAL A 323 16.59 -3.01 -16.03
C VAL A 323 17.52 -4.22 -16.17
N PRO A 324 17.71 -5.04 -15.11
CA PRO A 324 18.54 -6.22 -15.22
C PRO A 324 18.00 -7.13 -16.32
N SER A 325 18.90 -7.66 -17.14
CA SER A 325 18.59 -8.71 -18.14
C SER A 325 18.79 -10.10 -17.50
N TYR A 326 18.08 -11.10 -18.02
CA TYR A 326 18.27 -12.54 -17.69
C TYR A 326 19.76 -12.91 -17.70
N LYS A 327 20.44 -12.59 -18.78
CA LYS A 327 21.89 -12.83 -18.96
C LYS A 327 22.67 -12.16 -17.82
N GLN A 328 22.34 -10.92 -17.43
CA GLN A 328 23.13 -10.18 -16.39
C GLN A 328 22.90 -10.78 -14.99
N VAL A 329 21.73 -11.32 -14.69
CA VAL A 329 21.51 -12.04 -13.39
C VAL A 329 22.40 -13.28 -13.39
N LYS A 330 22.60 -13.92 -14.53
CA LYS A 330 23.41 -15.17 -14.60
C LYS A 330 24.86 -14.86 -14.30
N GLN A 331 25.30 -13.59 -14.44
CA GLN A 331 26.70 -13.08 -14.28
C GLN A 331 27.02 -12.73 -12.81
N LEU A 332 26.01 -12.68 -11.95
CA LEU A 332 26.21 -12.26 -10.55
C LEU A 332 26.63 -13.47 -9.72
N LYS A 333 27.84 -13.98 -9.94
CA LYS A 333 28.35 -15.21 -9.28
C LYS A 333 28.39 -14.93 -7.78
N TYR A 334 29.00 -13.82 -7.37
CA TYR A 334 29.20 -13.50 -5.93
C TYR A 334 27.85 -13.31 -5.26
N VAL A 335 26.84 -12.74 -5.92
CA VAL A 335 25.54 -12.57 -5.24
C VAL A 335 25.01 -14.00 -5.00
N GLY A 336 25.11 -14.86 -6.01
CA GLY A 336 24.82 -16.31 -5.91
C GLY A 336 25.49 -16.95 -4.71
N MET A 337 26.79 -16.71 -4.51
CA MET A 337 27.59 -17.30 -3.40
C MET A 337 27.06 -16.79 -2.06
N VAL A 338 26.73 -15.51 -1.98
CA VAL A 338 26.08 -14.90 -0.80
C VAL A 338 24.81 -15.71 -0.49
N LEU A 339 24.01 -15.95 -1.52
CA LEU A 339 22.73 -16.68 -1.34
C LEU A 339 22.97 -18.14 -0.88
N ASN A 340 23.95 -18.83 -1.47
CA ASN A 340 24.27 -20.22 -1.05
C ASN A 340 24.74 -20.21 0.40
N GLU A 341 25.61 -19.26 0.76
CA GLU A 341 26.19 -19.13 2.11
C GLU A 341 25.07 -18.81 3.12
N ALA A 342 24.06 -18.03 2.71
CA ALA A 342 22.91 -17.70 3.58
C ALA A 342 22.09 -18.97 3.81
N LEU A 343 21.86 -19.72 2.75
CA LEU A 343 21.19 -21.06 2.80
C LEU A 343 22.04 -22.08 3.60
N ARG A 344 23.37 -22.01 3.58
CA ARG A 344 24.21 -22.91 4.42
C ARG A 344 23.82 -22.68 5.87
N LEU A 345 23.90 -21.45 6.35
CA LEU A 345 23.71 -21.22 7.79
C LEU A 345 22.24 -21.34 8.17
N TRP A 346 21.32 -20.86 7.33
CA TRP A 346 19.88 -20.87 7.70
C TRP A 346 19.04 -21.35 6.52
N PRO A 347 19.06 -22.68 6.22
CA PRO A 347 18.20 -23.20 5.17
C PRO A 347 16.77 -22.92 5.66
N THR A 348 15.95 -22.29 4.83
CA THR A 348 14.69 -21.64 5.28
C THR A 348 13.59 -22.68 5.36
N ALA A 349 13.73 -23.79 4.65
CA ALA A 349 12.98 -25.05 4.89
C ALA A 349 13.93 -26.00 5.63
N PRO A 350 13.99 -25.90 6.97
CA PRO A 350 15.17 -26.39 7.72
C PRO A 350 15.26 -27.91 7.96
N ALA A 351 14.25 -28.66 7.51
CA ALA A 351 14.23 -30.13 7.70
C ALA A 351 13.40 -30.81 6.62
N PHE A 352 13.80 -32.06 6.30
CA PHE A 352 13.01 -33.04 5.55
C PHE A 352 13.10 -34.40 6.21
N SER A 353 12.06 -35.19 6.01
CA SER A 353 11.88 -36.52 6.65
C SER A 353 12.04 -37.62 5.61
N LEU A 354 12.54 -38.77 6.04
CA LEU A 354 12.75 -39.97 5.19
C LEU A 354 12.24 -41.20 5.93
N TYR A 355 11.86 -42.25 5.24
CA TYR A 355 11.62 -43.57 5.87
C TYR A 355 12.45 -44.61 5.13
N ALA A 356 12.90 -45.61 5.88
CA ALA A 356 13.64 -46.80 5.37
C ALA A 356 12.72 -47.58 4.44
N LYS A 357 13.05 -47.72 3.16
CA LYS A 357 12.30 -48.58 2.21
C LYS A 357 12.30 -50.05 2.68
N GLU A 358 13.41 -50.51 3.25
CA GLU A 358 13.57 -51.88 3.81
C GLU A 358 14.32 -51.79 5.12
N ASP A 359 14.35 -52.88 5.90
CA ASP A 359 15.43 -53.12 6.91
C ASP A 359 16.78 -52.79 6.24
N THR A 360 17.65 -52.06 6.95
CA THR A 360 18.99 -51.69 6.43
C THR A 360 19.82 -51.26 7.65
N VAL A 361 21.13 -51.08 7.48
CA VAL A 361 22.04 -50.59 8.56
C VAL A 361 22.51 -49.18 8.21
N LEU A 362 22.18 -48.19 9.04
CA LEU A 362 22.67 -46.80 8.84
C LEU A 362 24.07 -46.65 9.44
N GLY A 363 25.04 -46.35 8.59
CA GLY A 363 26.39 -45.93 8.99
C GLY A 363 27.22 -47.10 9.48
N GLY A 364 26.92 -48.31 9.04
CA GLY A 364 27.48 -49.56 9.58
C GLY A 364 27.37 -49.63 11.09
N GLU A 365 26.40 -48.98 11.74
CA GLU A 365 26.32 -48.89 13.22
C GLU A 365 24.88 -48.97 13.74
N TYR A 366 23.88 -48.47 12.99
CA TYR A 366 22.50 -48.23 13.49
C TYR A 366 21.49 -49.07 12.71
N PRO A 367 21.06 -50.23 13.25
CA PRO A 367 20.00 -51.03 12.65
C PRO A 367 18.68 -50.27 12.62
N LEU A 368 18.10 -50.21 11.43
CA LEU A 368 16.77 -49.60 11.17
C LEU A 368 15.83 -50.67 10.64
N GLU A 369 14.60 -50.65 11.13
CA GLU A 369 13.49 -51.47 10.57
C GLU A 369 12.79 -50.68 9.46
N LYS A 370 12.41 -51.37 8.39
CA LYS A 370 11.46 -50.95 7.33
C LYS A 370 10.36 -50.05 7.91
N GLY A 371 10.25 -48.82 7.39
CA GLY A 371 9.21 -47.84 7.77
C GLY A 371 9.70 -46.83 8.79
N ASP A 372 10.91 -47.05 9.33
CA ASP A 372 11.54 -46.22 10.37
C ASP A 372 11.84 -44.82 9.83
N GLU A 373 11.51 -43.81 10.62
CA GLU A 373 11.56 -42.37 10.20
C GLU A 373 12.95 -41.78 10.49
N LEU A 374 13.47 -40.98 9.56
CA LEU A 374 14.65 -40.12 9.77
C LEU A 374 14.22 -38.66 9.59
N MET A 375 14.77 -37.76 10.41
CA MET A 375 14.71 -36.28 10.18
C MET A 375 16.13 -35.79 9.86
N VAL A 376 16.30 -35.18 8.67
CA VAL A 376 17.54 -34.45 8.28
C VAL A 376 17.44 -33.02 8.79
N LEU A 377 18.34 -32.68 9.70
CA LEU A 377 18.42 -31.40 10.41
C LEU A 377 19.38 -30.55 9.58
N ILE A 378 18.86 -29.92 8.53
CA ILE A 378 19.72 -29.31 7.48
C ILE A 378 20.76 -28.33 8.09
N PRO A 379 20.40 -27.42 9.02
CA PRO A 379 21.38 -26.46 9.56
C PRO A 379 22.57 -27.09 10.32
N GLN A 380 22.36 -28.24 10.97
CA GLN A 380 23.46 -28.99 11.63
C GLN A 380 24.37 -29.58 10.56
N LEU A 381 23.78 -30.17 9.54
CA LEU A 381 24.52 -30.69 8.37
C LEU A 381 25.45 -29.60 7.83
N HIS A 382 24.89 -28.40 7.74
CA HIS A 382 25.59 -27.25 7.10
C HIS A 382 26.69 -26.75 8.01
N ARG A 383 26.69 -27.18 9.27
CA ARG A 383 27.71 -26.82 10.28
C ARG A 383 28.61 -28.04 10.59
N ASP A 384 28.59 -29.09 9.78
CA ASP A 384 29.50 -30.26 9.95
C ASP A 384 30.96 -29.83 9.69
N LYS A 385 31.75 -29.73 10.76
CA LYS A 385 33.15 -29.19 10.72
C LYS A 385 34.07 -30.12 9.92
N THR A 386 33.73 -31.41 9.80
CA THR A 386 34.53 -32.42 9.04
C THR A 386 34.38 -32.14 7.53
N ILE A 387 33.35 -31.40 7.15
CA ILE A 387 33.14 -31.01 5.74
C ILE A 387 33.59 -29.57 5.53
N TRP A 388 33.16 -28.64 6.39
CA TRP A 388 33.29 -27.17 6.13
C TRP A 388 34.53 -26.53 6.78
N GLY A 389 35.20 -27.22 7.69
CA GLY A 389 36.35 -26.65 8.42
C GLY A 389 35.86 -26.09 9.74
N ASP A 390 36.75 -25.53 10.56
CA ASP A 390 36.42 -25.15 11.96
C ASP A 390 35.81 -23.74 12.01
N ASP A 391 35.50 -23.08 10.88
CA ASP A 391 35.01 -21.69 10.87
C ASP A 391 33.52 -21.70 10.46
N VAL A 392 32.78 -22.76 10.82
CA VAL A 392 31.45 -23.06 10.23
C VAL A 392 30.49 -21.90 10.45
N GLU A 393 30.61 -21.18 11.58
CA GLU A 393 29.66 -20.09 11.99
C GLU A 393 29.94 -18.79 11.22
N GLU A 394 31.09 -18.64 10.60
CA GLU A 394 31.43 -17.38 9.89
C GLU A 394 30.75 -17.41 8.53
N PHE A 395 30.32 -16.22 8.10
CA PHE A 395 29.64 -15.98 6.82
C PHE A 395 30.72 -15.73 5.78
N ARG A 396 31.07 -16.76 5.03
CA ARG A 396 32.23 -16.70 4.10
C ARG A 396 31.73 -17.25 2.76
N PRO A 397 31.15 -16.38 1.90
CA PRO A 397 30.65 -16.81 0.60
C PRO A 397 31.70 -17.51 -0.25
N GLU A 398 32.97 -17.14 -0.04
CA GLU A 398 34.15 -17.64 -0.80
C GLU A 398 34.19 -19.17 -0.71
N ARG A 399 33.55 -19.77 0.27
CA ARG A 399 33.41 -21.26 0.42
C ARG A 399 32.82 -21.87 -0.85
N PHE A 400 32.01 -21.11 -1.60
CA PHE A 400 31.24 -21.59 -2.76
C PHE A 400 31.88 -21.12 -4.07
N GLU A 401 33.09 -20.54 -4.05
CA GLU A 401 33.70 -20.04 -5.32
C GLU A 401 33.79 -21.23 -6.29
N ASN A 402 34.23 -22.39 -5.78
CA ASN A 402 34.51 -23.61 -6.56
C ASN A 402 33.54 -24.67 -6.07
N PRO A 403 32.41 -24.89 -6.79
CA PRO A 403 31.36 -25.80 -6.31
C PRO A 403 31.73 -27.31 -6.26
N SER A 404 32.70 -27.77 -7.04
CA SER A 404 33.15 -29.20 -7.11
C SER A 404 33.73 -29.64 -5.77
N ALA A 405 34.51 -28.75 -5.13
CA ALA A 405 35.18 -28.95 -3.83
C ALA A 405 34.17 -29.24 -2.72
N ILE A 406 32.88 -29.11 -2.98
CA ILE A 406 31.83 -29.42 -1.97
C ILE A 406 31.44 -30.86 -2.20
N PRO A 407 31.64 -31.76 -1.21
CA PRO A 407 31.31 -33.18 -1.36
C PRO A 407 29.81 -33.37 -1.67
N GLN A 408 29.50 -34.48 -2.35
CA GLN A 408 28.12 -34.96 -2.61
C GLN A 408 27.34 -34.98 -1.29
N HIS A 409 26.17 -34.35 -1.27
CA HIS A 409 25.21 -34.40 -0.14
C HIS A 409 25.72 -33.60 1.08
N ALA A 410 26.67 -32.68 0.92
CA ALA A 410 27.04 -31.75 2.04
C ALA A 410 26.09 -30.55 2.15
N PHE A 411 25.64 -30.01 1.02
CA PHE A 411 24.76 -28.81 0.96
C PHE A 411 23.39 -29.23 0.41
N LYS A 412 22.35 -29.29 1.26
CA LYS A 412 21.02 -29.88 0.94
C LYS A 412 19.87 -28.93 1.27
N PRO A 413 20.00 -27.61 1.04
CA PRO A 413 18.92 -26.68 1.39
C PRO A 413 17.63 -26.85 0.57
N PHE A 414 17.70 -27.65 -0.49
CA PHE A 414 16.70 -27.87 -1.55
C PHE A 414 16.23 -29.33 -1.57
N GLY A 415 16.49 -30.05 -0.46
CA GLY A 415 16.16 -31.47 -0.31
C GLY A 415 17.02 -32.34 -1.21
N ASN A 416 16.42 -33.44 -1.69
CA ASN A 416 17.19 -34.61 -2.18
C ASN A 416 16.43 -35.37 -3.28
N GLY A 417 17.18 -35.68 -4.35
CA GLY A 417 16.82 -36.55 -5.47
C GLY A 417 15.56 -36.08 -6.18
N GLN A 418 14.70 -37.03 -6.53
CA GLN A 418 13.48 -36.79 -7.32
C GLN A 418 12.47 -35.99 -6.47
N ARG A 419 12.53 -36.04 -5.15
CA ARG A 419 11.70 -35.17 -4.26
C ARG A 419 12.43 -33.88 -3.89
N ALA A 420 13.45 -33.49 -4.65
CA ALA A 420 14.17 -32.21 -4.43
C ALA A 420 13.30 -31.04 -4.89
N CYS A 421 13.68 -29.84 -4.51
CA CYS A 421 13.00 -28.59 -4.92
C CYS A 421 12.99 -28.44 -6.45
N PRO A 422 11.80 -28.40 -7.08
CA PRO A 422 11.71 -28.10 -8.50
C PRO A 422 11.85 -26.59 -8.79
N GLY A 423 11.73 -25.76 -7.77
CA GLY A 423 11.78 -24.29 -7.93
C GLY A 423 13.13 -23.71 -7.56
N GLN A 424 14.12 -24.57 -7.40
CA GLN A 424 15.46 -24.14 -6.97
C GLN A 424 15.97 -23.02 -7.91
N GLN A 425 15.89 -23.17 -9.22
CA GLN A 425 16.52 -22.18 -10.13
C GLN A 425 15.68 -20.89 -10.09
N PHE A 426 14.36 -21.03 -10.16
CA PHE A 426 13.40 -19.91 -10.00
C PHE A 426 13.78 -19.05 -8.76
N ALA A 427 13.78 -19.66 -7.59
CA ALA A 427 14.05 -19.01 -6.29
C ALA A 427 15.37 -18.26 -6.36
N LEU A 428 16.44 -18.87 -6.88
CA LEU A 428 17.78 -18.24 -6.81
C LEU A 428 17.88 -17.20 -7.91
N HIS A 429 17.23 -17.41 -9.04
CA HIS A 429 17.18 -16.35 -10.08
C HIS A 429 16.49 -15.12 -9.46
N GLU A 430 15.32 -15.32 -8.84
CA GLU A 430 14.57 -14.23 -8.15
C GLU A 430 15.52 -13.53 -7.14
N ALA A 431 16.03 -14.30 -6.18
CA ALA A 431 16.89 -13.77 -5.08
C ALA A 431 18.08 -13.03 -5.69
N THR A 432 18.68 -13.57 -6.74
CA THR A 432 19.92 -12.97 -7.29
C THR A 432 19.52 -11.64 -7.93
N LEU A 433 18.47 -11.66 -8.75
CA LEU A 433 17.96 -10.43 -9.41
C LEU A 433 17.68 -9.39 -8.33
N VAL A 434 16.96 -9.76 -7.28
CA VAL A 434 16.45 -8.70 -6.36
C VAL A 434 17.62 -8.20 -5.49
N LEU A 435 18.53 -9.07 -5.07
CA LEU A 435 19.67 -8.65 -4.21
C LEU A 435 20.62 -7.76 -5.05
N GLY A 436 20.90 -8.17 -6.28
CA GLY A 436 21.68 -7.38 -7.24
C GLY A 436 21.13 -5.97 -7.37
N MET A 437 19.83 -5.85 -7.55
CA MET A 437 19.15 -4.53 -7.70
C MET A 437 19.22 -3.76 -6.38
N MET A 438 18.97 -4.45 -5.25
CA MET A 438 19.12 -3.84 -3.89
C MET A 438 20.53 -3.27 -3.70
N LEU A 439 21.60 -4.04 -3.99
CA LEU A 439 23.00 -3.60 -3.71
C LEU A 439 23.42 -2.50 -4.69
N LYS A 440 22.84 -2.54 -5.88
CA LYS A 440 23.14 -1.59 -6.98
C LYS A 440 22.63 -0.21 -6.59
N HIS A 441 21.45 -0.16 -5.98
CA HIS A 441 20.63 1.08 -5.88
C HIS A 441 20.75 1.72 -4.50
N PHE A 442 21.11 0.96 -3.45
CA PHE A 442 21.18 1.48 -2.07
C PHE A 442 22.46 1.08 -1.31
N ASP A 443 22.87 1.95 -0.40
CA ASP A 443 23.76 1.62 0.74
C ASP A 443 22.87 1.27 1.93
N PHE A 444 23.23 0.25 2.68
CA PHE A 444 22.44 -0.28 3.80
C PHE A 444 23.18 0.05 5.10
N GLU A 445 22.40 0.29 6.15
CA GLU A 445 22.88 0.62 7.51
C GLU A 445 22.08 -0.21 8.51
N ASP A 446 22.77 -1.04 9.31
CA ASP A 446 22.19 -1.86 10.40
C ASP A 446 22.04 -0.92 11.55
N HIS A 447 21.05 -0.05 11.47
CA HIS A 447 21.03 1.17 12.31
C HIS A 447 20.64 0.79 13.74
N THR A 448 20.03 -0.37 13.97
CA THR A 448 19.55 -0.79 15.32
C THR A 448 20.60 -1.70 15.94
N ASN A 449 21.63 -2.02 15.18
CA ASN A 449 22.55 -3.12 15.51
C ASN A 449 21.68 -4.36 15.80
N TYR A 450 20.95 -4.84 14.80
CA TYR A 450 19.92 -5.90 14.96
C TYR A 450 20.49 -7.19 15.55
N GLU A 451 19.86 -7.66 16.63
CA GLU A 451 20.12 -8.97 17.23
C GLU A 451 19.26 -10.03 16.52
N LEU A 452 19.89 -10.94 15.80
CA LEU A 452 19.17 -11.99 15.04
C LEU A 452 18.14 -12.62 15.98
N ASP A 453 16.90 -12.62 15.54
CA ASP A 453 15.78 -13.33 16.22
C ASP A 453 15.09 -14.16 15.14
N ILE A 454 15.22 -15.48 15.21
CA ILE A 454 14.75 -16.37 14.10
C ILE A 454 13.37 -16.93 14.42
N LYS A 455 12.39 -16.58 13.59
CA LYS A 455 11.00 -16.96 13.88
C LYS A 455 10.73 -18.23 13.07
N GLU A 456 10.02 -19.16 13.70
CA GLU A 456 9.75 -20.51 13.15
C GLU A 456 8.25 -20.57 12.89
N THR A 457 7.92 -20.92 11.66
CA THR A 457 6.56 -21.30 11.20
C THR A 457 6.75 -22.55 10.33
N LEU A 458 7.34 -23.58 10.93
CA LEU A 458 8.03 -24.67 10.20
C LEU A 458 9.19 -24.10 9.41
N THR A 459 8.92 -23.20 8.48
CA THR A 459 9.98 -22.40 7.81
C THR A 459 10.65 -21.44 8.80
N LEU A 460 11.77 -20.86 8.39
CA LEU A 460 12.59 -19.90 9.21
C LEU A 460 12.67 -18.53 8.52
N LYS A 461 12.67 -17.50 9.35
CA LYS A 461 12.81 -16.09 8.92
C LYS A 461 13.25 -15.25 10.09
N PRO A 462 14.15 -14.25 9.90
CA PRO A 462 14.41 -13.23 10.92
C PRO A 462 13.11 -12.45 11.20
N GLU A 463 12.89 -12.18 12.49
CA GLU A 463 11.80 -11.32 12.99
C GLU A 463 12.36 -10.00 13.51
N GLY A 464 11.63 -8.90 13.30
CA GLY A 464 12.01 -7.56 13.77
C GLY A 464 13.25 -7.04 13.06
N PHE A 465 13.66 -7.60 11.92
CA PHE A 465 14.91 -7.16 11.23
C PHE A 465 14.64 -5.90 10.42
N VAL A 466 15.24 -4.76 10.79
CA VAL A 466 15.07 -3.45 10.10
C VAL A 466 16.44 -2.85 9.76
N VAL A 467 16.47 -2.08 8.67
CA VAL A 467 17.70 -1.37 8.19
C VAL A 467 17.28 0.00 7.68
N LYS A 468 18.24 0.91 7.48
CA LYS A 468 18.04 2.11 6.64
C LYS A 468 18.82 1.94 5.34
N ALA A 469 18.20 2.38 4.25
CA ALA A 469 18.75 2.32 2.87
C ALA A 469 18.88 3.73 2.34
N LYS A 470 20.11 4.18 2.18
CA LYS A 470 20.45 5.49 1.57
C LYS A 470 20.55 5.21 0.07
N SER A 471 19.65 5.76 -0.73
CA SER A 471 19.67 5.69 -2.21
C SER A 471 21.04 6.15 -2.72
N LYS A 472 21.58 5.45 -3.70
CA LYS A 472 22.74 5.89 -4.50
C LYS A 472 22.27 6.69 -5.70
N LYS A 473 20.96 6.86 -5.86
CA LYS A 473 20.39 7.80 -6.85
C LYS A 473 20.75 7.31 -8.25
N ILE A 474 20.57 6.02 -8.54
CA ILE A 474 20.83 5.49 -9.90
C ILE A 474 19.49 5.28 -10.58
N PRO A 475 19.22 5.94 -11.73
CA PRO A 475 17.88 5.91 -12.31
C PRO A 475 17.55 4.48 -12.80
N LEU A 476 16.25 4.23 -12.99
CA LEU A 476 15.62 2.89 -13.00
C LEU A 476 14.88 2.68 -14.32
N ILE B 23 -38.27 47.64 0.93
CA ILE B 23 -37.66 46.94 2.13
C ILE B 23 -38.51 45.69 2.51
N LYS B 24 -37.91 44.49 2.32
CA LYS B 24 -38.54 43.15 2.53
C LYS B 24 -38.13 42.54 3.88
N GLU B 25 -39.06 41.79 4.46
CA GLU B 25 -38.85 40.87 5.60
C GLU B 25 -38.28 39.55 5.07
N MET B 26 -37.15 39.14 5.61
CA MET B 26 -36.40 37.93 5.20
C MET B 26 -37.16 36.71 5.68
N PRO B 27 -37.37 35.67 4.85
CA PRO B 27 -37.92 34.41 5.34
C PRO B 27 -36.97 33.72 6.34
N GLN B 28 -37.49 32.76 7.11
CA GLN B 28 -36.73 32.02 8.13
C GLN B 28 -37.32 30.63 8.26
N PRO B 29 -36.48 29.56 8.22
CA PRO B 29 -36.94 28.19 8.34
C PRO B 29 -37.36 27.94 9.81
N LYS B 30 -37.99 26.80 10.01
CA LYS B 30 -38.57 26.41 11.31
C LYS B 30 -37.54 26.52 12.42
N THR B 31 -37.99 26.92 13.60
CA THR B 31 -37.20 27.19 14.82
C THR B 31 -37.57 26.17 15.89
N PHE B 32 -36.71 26.06 16.90
CA PHE B 32 -36.77 25.02 17.95
C PHE B 32 -36.79 25.66 19.34
N GLY B 33 -37.65 26.66 19.54
CA GLY B 33 -37.68 27.43 20.80
C GLY B 33 -36.36 28.16 20.99
N GLU B 34 -35.71 27.99 22.16
CA GLU B 34 -34.52 28.79 22.57
C GLU B 34 -33.32 28.42 21.70
N LEU B 35 -33.35 27.22 21.10
CA LEU B 35 -32.32 26.77 20.14
C LEU B 35 -32.46 27.45 18.78
N LYS B 36 -33.56 28.15 18.53
CA LYS B 36 -33.84 28.87 17.26
C LYS B 36 -33.62 27.91 16.08
N ASN B 37 -32.86 28.26 15.05
CA ASN B 37 -32.67 27.32 13.92
C ASN B 37 -31.55 26.29 14.16
N LEU B 38 -30.90 26.29 15.32
CA LEU B 38 -29.66 25.47 15.49
C LEU B 38 -29.91 24.00 15.09
N PRO B 39 -30.96 23.30 15.56
CA PRO B 39 -31.13 21.87 15.30
C PRO B 39 -31.35 21.45 13.84
N LEU B 40 -31.62 22.39 12.93
CA LEU B 40 -31.63 22.08 11.49
C LEU B 40 -30.22 21.66 11.05
N LEU B 41 -29.17 22.02 11.80
CA LEU B 41 -27.77 21.57 11.51
C LEU B 41 -27.47 20.22 12.18
N ASN B 42 -28.38 19.67 12.99
CA ASN B 42 -28.17 18.34 13.65
C ASN B 42 -28.31 17.24 12.60
N THR B 43 -27.32 17.12 11.72
CA THR B 43 -27.37 16.23 10.54
C THR B 43 -25.92 15.95 10.14
N ASP B 44 -25.70 14.82 9.48
CA ASP B 44 -24.39 14.48 8.89
C ASP B 44 -24.24 15.28 7.56
N LYS B 45 -25.27 15.98 7.08
CA LYS B 45 -25.25 16.70 5.76
C LYS B 45 -25.83 18.10 5.90
N PRO B 46 -25.17 19.00 6.68
CA PRO B 46 -25.71 20.31 6.97
C PRO B 46 -25.93 21.13 5.69
N VAL B 47 -24.99 21.03 4.76
CA VAL B 47 -24.95 21.86 3.52
C VAL B 47 -26.12 21.44 2.68
N GLN B 48 -26.30 20.16 2.47
CA GLN B 48 -27.40 19.68 1.60
C GLN B 48 -28.75 20.07 2.23
N ALA B 49 -28.85 20.05 3.57
CA ALA B 49 -30.03 20.51 4.32
C ALA B 49 -30.25 22.00 4.07
N LEU B 50 -29.20 22.81 4.00
CA LEU B 50 -29.36 24.24 3.71
C LEU B 50 -29.72 24.48 2.24
N MET B 51 -29.25 23.63 1.33
CA MET B 51 -29.63 23.73 -0.10
C MET B 51 -31.16 23.51 -0.21
N LYS B 52 -31.70 22.53 0.51
CA LYS B 52 -33.15 22.21 0.52
C LYS B 52 -33.96 23.36 1.16
N ILE B 53 -33.50 23.94 2.27
CA ILE B 53 -34.05 25.20 2.83
C ILE B 53 -33.97 26.32 1.76
N ALA B 54 -32.94 26.38 0.93
CA ALA B 54 -32.90 27.41 -0.13
C ALA B 54 -33.95 27.12 -1.21
N ASP B 55 -34.15 25.85 -1.57
CA ASP B 55 -35.22 25.44 -2.53
C ASP B 55 -36.58 25.97 -2.04
N GLU B 56 -36.87 25.89 -0.73
CA GLU B 56 -38.19 26.30 -0.14
C GLU B 56 -38.30 27.84 -0.02
N LEU B 57 -37.26 28.53 0.42
CA LEU B 57 -37.40 29.90 0.93
C LEU B 57 -36.88 30.91 -0.09
N GLY B 58 -36.16 30.47 -1.12
CA GLY B 58 -35.62 31.36 -2.18
C GLY B 58 -34.21 31.87 -1.92
N GLU B 59 -33.93 33.05 -2.48
CA GLU B 59 -32.56 33.59 -2.70
C GLU B 59 -31.95 34.06 -1.38
N ILE B 60 -32.71 34.15 -0.30
CA ILE B 60 -32.18 34.67 0.98
C ILE B 60 -33.03 34.17 2.15
N PHE B 61 -32.37 33.70 3.22
CA PHE B 61 -33.04 33.38 4.50
C PHE B 61 -32.13 33.75 5.68
N LYS B 62 -32.80 34.11 6.77
CA LYS B 62 -32.25 34.36 8.11
C LYS B 62 -32.09 33.01 8.82
N PHE B 63 -30.92 32.78 9.39
CA PHE B 63 -30.61 31.54 10.15
C PHE B 63 -30.05 32.00 11.48
N GLU B 64 -30.72 31.64 12.56
CA GLU B 64 -30.39 32.10 13.92
C GLU B 64 -29.94 30.91 14.78
N ALA B 65 -28.94 31.13 15.63
CA ALA B 65 -28.54 30.22 16.73
C ALA B 65 -28.41 31.09 17.96
N PRO B 66 -28.35 30.51 19.18
CA PRO B 66 -28.23 31.34 20.38
C PRO B 66 -27.06 32.36 20.24
N GLY B 67 -27.39 33.64 20.38
CA GLY B 67 -26.43 34.76 20.35
C GLY B 67 -25.85 35.00 18.97
N ARG B 68 -26.47 34.47 17.91
CA ARG B 68 -25.84 34.43 16.56
C ARG B 68 -26.91 34.48 15.45
N VAL B 69 -26.60 35.14 14.33
CA VAL B 69 -27.49 35.24 13.13
C VAL B 69 -26.64 35.35 11.87
N THR B 70 -26.99 34.64 10.81
CA THR B 70 -26.44 34.88 9.46
C THR B 70 -27.58 34.83 8.41
N ARG B 71 -27.25 35.18 7.19
CA ARG B 71 -28.18 35.09 6.07
C ARG B 71 -27.51 34.29 4.96
N TYR B 72 -28.23 33.29 4.46
CA TYR B 72 -27.81 32.43 3.34
C TYR B 72 -28.28 33.08 2.05
N LEU B 73 -27.31 33.45 1.22
CA LEU B 73 -27.52 33.97 -0.14
C LEU B 73 -27.41 32.83 -1.11
N SER B 74 -28.37 32.71 -2.03
CA SER B 74 -28.48 31.63 -3.04
C SER B 74 -28.53 32.17 -4.48
N SER B 75 -28.57 33.49 -4.71
CA SER B 75 -28.81 34.01 -6.08
C SER B 75 -27.64 34.87 -6.51
N GLN B 76 -27.31 34.77 -7.79
CA GLN B 76 -26.33 35.66 -8.44
C GLN B 76 -26.72 37.12 -8.15
N ARG B 77 -28.01 37.46 -8.22
CA ARG B 77 -28.48 38.85 -7.98
C ARG B 77 -27.88 39.38 -6.67
N LEU B 78 -28.02 38.65 -5.54
CA LEU B 78 -27.58 39.14 -4.21
C LEU B 78 -26.08 38.87 -4.05
N ILE B 79 -25.57 37.77 -4.59
CA ILE B 79 -24.16 37.35 -4.33
C ILE B 79 -23.24 38.32 -5.09
N LYS B 80 -23.68 38.83 -6.24
CA LYS B 80 -22.79 39.71 -7.05
C LYS B 80 -22.52 41.00 -6.26
N GLU B 81 -23.40 41.36 -5.33
CA GLU B 81 -23.19 42.53 -4.42
C GLU B 81 -22.33 42.11 -3.23
N ALA B 82 -22.62 40.95 -2.63
CA ALA B 82 -21.82 40.37 -1.54
C ALA B 82 -20.34 40.30 -1.96
N CYS B 83 -20.05 40.21 -3.24
CA CYS B 83 -18.66 40.04 -3.73
C CYS B 83 -17.99 41.39 -3.95
N ASP B 84 -18.65 42.51 -3.60
CA ASP B 84 -18.06 43.86 -3.63
C ASP B 84 -17.20 44.00 -2.36
N GLU B 85 -15.88 44.07 -2.55
CA GLU B 85 -14.86 44.08 -1.47
C GLU B 85 -14.87 45.40 -0.73
N SER B 86 -15.37 46.47 -1.36
CA SER B 86 -15.58 47.79 -0.72
C SER B 86 -16.63 47.64 0.39
N ARG B 87 -17.56 46.70 0.28
CA ARG B 87 -18.74 46.61 1.20
C ARG B 87 -18.65 45.35 2.07
N PHE B 88 -18.07 44.28 1.58
CA PHE B 88 -17.98 43.00 2.35
C PHE B 88 -16.55 42.44 2.32
N ASP B 89 -16.20 41.91 3.49
CA ASP B 89 -14.93 41.18 3.70
C ASP B 89 -15.25 39.76 4.18
N LYS B 90 -14.27 38.89 3.96
CA LYS B 90 -14.20 37.49 4.42
C LYS B 90 -14.57 37.42 5.88
N ASN B 91 -15.58 36.63 6.20
CA ASN B 91 -15.92 36.31 7.61
C ASN B 91 -15.38 34.91 7.93
N LEU B 92 -14.90 34.70 9.15
CA LEU B 92 -14.71 33.32 9.68
C LEU B 92 -16.07 32.85 10.15
N SER B 93 -16.64 31.93 9.38
CA SER B 93 -17.80 31.07 9.76
C SER B 93 -17.49 30.38 11.08
N GLN B 94 -18.50 29.93 11.82
CA GLN B 94 -18.26 29.06 12.99
C GLN B 94 -17.32 27.93 12.56
N ALA B 95 -17.55 27.37 11.37
CA ALA B 95 -16.73 26.25 10.85
C ALA B 95 -15.25 26.65 10.84
N LEU B 96 -14.94 27.82 10.31
CA LEU B 96 -13.55 28.27 10.13
C LEU B 96 -12.95 28.65 11.50
N LYS B 97 -13.77 29.09 12.43
CA LYS B 97 -13.32 29.41 13.80
C LYS B 97 -12.86 28.10 14.50
N PHE B 98 -13.62 27.02 14.31
CA PHE B 98 -13.29 25.70 14.90
C PHE B 98 -12.04 25.17 14.19
N VAL B 99 -11.91 25.38 12.88
CA VAL B 99 -10.73 24.88 12.13
C VAL B 99 -9.46 25.65 12.57
N ARG B 100 -9.62 26.90 12.99
CA ARG B 100 -8.53 27.79 13.40
C ARG B 100 -7.84 27.16 14.59
N ASP B 101 -8.55 26.36 15.39
CA ASP B 101 -7.92 25.68 16.55
C ASP B 101 -6.67 24.91 16.08
N PHE B 102 -6.62 24.40 14.85
CA PHE B 102 -5.38 23.76 14.34
C PHE B 102 -4.79 24.48 13.13
N ALA B 103 -5.54 25.30 12.36
CA ALA B 103 -4.93 26.02 11.22
C ALA B 103 -4.50 27.43 11.61
N GLY B 104 -4.87 27.92 12.81
CA GLY B 104 -4.36 29.19 13.40
C GLY B 104 -4.54 30.37 12.47
N ASP B 105 -3.51 31.19 12.28
CA ASP B 105 -3.59 32.37 11.37
C ASP B 105 -2.85 32.04 10.07
N GLY B 106 -2.98 30.78 9.63
CA GLY B 106 -2.71 30.40 8.24
C GLY B 106 -3.62 31.14 7.29
N LEU B 107 -3.28 31.21 6.01
CA LEU B 107 -4.03 32.00 5.02
C LEU B 107 -5.53 31.73 5.09
N PHE B 108 -5.99 30.50 5.32
CA PHE B 108 -7.41 30.10 5.14
C PHE B 108 -8.24 30.62 6.33
N THR B 109 -7.62 30.79 7.49
CA THR B 109 -8.37 30.96 8.77
C THR B 109 -7.96 32.27 9.42
N SER B 110 -7.27 33.13 8.71
CA SER B 110 -6.92 34.48 9.21
C SER B 110 -7.89 35.52 8.61
N TRP B 111 -8.16 36.56 9.40
CA TRP B 111 -8.97 37.71 9.00
C TRP B 111 -8.07 38.52 8.08
N THR B 112 -8.68 39.23 7.13
CA THR B 112 -7.94 40.08 6.19
C THR B 112 -7.11 41.15 6.92
N HIS B 113 -7.50 41.54 8.13
CA HIS B 113 -6.85 42.69 8.82
C HIS B 113 -5.70 42.21 9.72
N GLU B 114 -5.59 40.91 10.04
CA GLU B 114 -4.43 40.37 10.80
C GLU B 114 -3.19 40.56 9.93
N LYS B 115 -2.10 41.03 10.54
CA LYS B 115 -0.81 41.27 9.83
C LYS B 115 -0.39 40.02 9.01
N ASN B 116 -0.48 38.82 9.60
CA ASN B 116 0.04 37.59 8.96
C ASN B 116 -0.74 37.24 7.69
N TRP B 117 -1.97 37.76 7.49
CA TRP B 117 -2.76 37.40 6.29
C TRP B 117 -2.02 37.94 5.07
N LYS B 118 -1.80 39.25 5.04
CA LYS B 118 -1.25 39.93 3.83
C LYS B 118 0.23 39.60 3.68
N LYS B 119 0.93 39.48 4.80
CA LYS B 119 2.37 39.12 4.83
C LYS B 119 2.53 37.73 4.23
N ALA B 120 1.81 36.73 4.77
CA ALA B 120 1.77 35.35 4.22
C ALA B 120 1.27 35.39 2.76
N HIS B 121 0.23 36.16 2.47
CA HIS B 121 -0.30 36.28 1.10
C HIS B 121 0.86 36.63 0.16
N ASN B 122 1.61 37.69 0.48
CA ASN B 122 2.63 38.26 -0.44
C ASN B 122 3.82 37.30 -0.53
N ILE B 123 4.15 36.58 0.53
CA ILE B 123 5.31 35.65 0.51
C ILE B 123 4.94 34.41 -0.31
N LEU B 124 3.76 33.84 -0.10
CA LEU B 124 3.41 32.50 -0.66
C LEU B 124 2.89 32.60 -2.12
N LEU B 125 2.59 33.79 -2.62
CA LEU B 125 2.00 33.92 -3.98
C LEU B 125 2.96 33.49 -5.08
N PRO B 126 4.26 33.89 -5.06
CA PRO B 126 5.20 33.45 -6.09
C PRO B 126 5.33 31.92 -6.19
N SER B 127 4.88 31.20 -5.18
CA SER B 127 4.78 29.72 -5.20
C SER B 127 3.79 29.26 -6.25
N PHE B 128 2.90 30.13 -6.80
CA PHE B 128 1.85 29.74 -7.78
C PHE B 128 2.05 30.44 -9.12
N SER B 129 3.24 31.00 -9.30
CA SER B 129 3.71 31.59 -10.57
C SER B 129 3.87 30.49 -11.61
N GLN B 130 3.65 30.84 -12.87
CA GLN B 130 3.90 29.98 -14.05
C GLN B 130 5.19 29.20 -13.80
N GLN B 131 6.26 29.88 -13.39
CA GLN B 131 7.59 29.24 -13.31
C GLN B 131 7.60 28.22 -12.16
N ALA B 132 6.93 28.51 -11.04
CA ALA B 132 6.74 27.54 -9.93
C ALA B 132 5.87 26.36 -10.43
N MET B 133 4.91 26.61 -11.35
CA MET B 133 3.95 25.58 -11.83
C MET B 133 4.69 24.61 -12.73
N LYS B 134 5.54 25.13 -13.62
CA LYS B 134 6.36 24.30 -14.53
C LYS B 134 7.18 23.33 -13.69
N GLY B 135 7.64 23.79 -12.51
CA GLY B 135 8.47 23.01 -11.59
C GLY B 135 7.70 21.88 -10.92
N TYR B 136 6.45 22.14 -10.51
CA TYR B 136 5.52 21.17 -9.85
C TYR B 136 5.08 20.06 -10.83
N HIS B 137 5.01 20.35 -12.12
CA HIS B 137 4.40 19.46 -13.15
C HIS B 137 4.97 18.05 -13.02
N ALA B 138 6.29 17.91 -13.09
CA ALA B 138 7.03 16.62 -13.02
C ALA B 138 6.70 15.87 -11.71
N MET B 139 6.61 16.56 -10.56
CA MET B 139 6.23 15.93 -9.26
C MET B 139 4.76 15.47 -9.34
N MET B 140 3.92 16.22 -10.07
CA MET B 140 2.50 15.87 -10.24
C MET B 140 2.42 14.61 -11.09
N VAL B 141 3.23 14.54 -12.15
CA VAL B 141 3.31 13.37 -13.06
C VAL B 141 3.71 12.12 -12.25
N ASP B 142 4.76 12.22 -11.44
CA ASP B 142 5.22 11.13 -10.55
C ASP B 142 4.01 10.53 -9.86
N ILE B 143 3.20 11.32 -9.19
CA ILE B 143 2.04 10.81 -8.37
C ILE B 143 0.94 10.27 -9.31
N ALA B 144 0.74 10.89 -10.46
CA ALA B 144 -0.33 10.53 -11.40
C ALA B 144 0.01 9.16 -11.99
N VAL B 145 1.27 8.99 -12.35
CA VAL B 145 1.82 7.69 -12.80
C VAL B 145 1.59 6.66 -11.70
N GLN B 146 1.94 6.92 -10.45
CA GLN B 146 1.60 5.96 -9.38
C GLN B 146 0.12 5.61 -9.47
N LEU B 147 -0.80 6.55 -9.79
CA LEU B 147 -2.25 6.22 -9.81
C LEU B 147 -2.55 5.24 -10.95
N VAL B 148 -2.07 5.57 -12.13
CA VAL B 148 -2.36 4.80 -13.36
C VAL B 148 -1.76 3.40 -13.16
N GLN B 149 -0.61 3.31 -12.51
CA GLN B 149 0.04 1.98 -12.34
C GLN B 149 -0.81 1.19 -11.35
N LYS B 150 -1.33 1.85 -10.30
CA LYS B 150 -2.18 1.08 -9.37
C LYS B 150 -3.35 0.45 -10.14
N TRP B 151 -3.92 1.18 -11.09
CA TRP B 151 -5.16 0.74 -11.76
C TRP B 151 -4.83 -0.29 -12.82
N GLU B 152 -3.73 -0.12 -13.53
CA GLU B 152 -3.22 -1.14 -14.49
C GLU B 152 -2.98 -2.48 -13.77
N ARG B 153 -2.59 -2.47 -12.51
CA ARG B 153 -2.17 -3.70 -11.78
C ARG B 153 -3.35 -4.35 -11.07
N LEU B 154 -4.55 -3.84 -11.28
CA LEU B 154 -5.73 -4.50 -10.66
C LEU B 154 -6.02 -5.78 -11.44
N ASN B 155 -6.58 -6.78 -10.75
CA ASN B 155 -7.02 -8.04 -11.41
C ASN B 155 -8.42 -7.83 -12.02
N ALA B 156 -8.80 -8.70 -12.96
CA ALA B 156 -10.15 -8.78 -13.59
C ALA B 156 -11.25 -8.54 -12.53
N ASP B 157 -12.16 -7.64 -12.83
CA ASP B 157 -13.41 -7.48 -12.05
C ASP B 157 -13.12 -6.95 -10.64
N GLU B 158 -11.87 -6.53 -10.33
CA GLU B 158 -11.60 -5.74 -9.11
C GLU B 158 -12.08 -4.31 -9.46
N HIS B 159 -12.55 -3.57 -8.47
CA HIS B 159 -13.12 -2.19 -8.67
C HIS B 159 -12.19 -1.15 -8.03
N ILE B 160 -12.40 0.09 -8.42
CA ILE B 160 -11.65 1.25 -7.92
C ILE B 160 -12.52 1.97 -6.91
N GLU B 161 -11.92 2.27 -5.76
CA GLU B 161 -12.58 3.07 -4.70
C GLU B 161 -12.21 4.51 -5.02
N VAL B 162 -13.11 5.24 -5.66
CA VAL B 162 -12.71 6.49 -6.38
C VAL B 162 -12.21 7.60 -5.45
N PRO B 163 -13.05 8.09 -4.52
CA PRO B 163 -12.61 9.16 -3.62
C PRO B 163 -11.35 8.75 -2.80
N GLU B 164 -11.29 7.48 -2.35
CA GLU B 164 -10.10 6.95 -1.65
C GLU B 164 -8.88 7.16 -2.56
N ASP B 165 -8.95 6.75 -3.83
CA ASP B 165 -7.76 6.84 -4.70
C ASP B 165 -7.49 8.32 -5.04
N MET B 166 -8.52 9.17 -5.13
CA MET B 166 -8.35 10.59 -5.53
C MET B 166 -7.65 11.31 -4.39
N THR B 167 -7.98 10.92 -3.16
CA THR B 167 -7.37 11.45 -1.93
C THR B 167 -5.92 10.96 -1.81
N ARG B 168 -5.64 9.71 -2.12
CA ARG B 168 -4.26 9.21 -2.18
C ARG B 168 -3.49 10.13 -3.12
N LEU B 169 -4.08 10.44 -4.27
CA LEU B 169 -3.30 11.18 -5.29
C LEU B 169 -3.06 12.64 -4.86
N THR B 170 -4.10 13.34 -4.41
CA THR B 170 -4.05 14.78 -4.11
C THR B 170 -3.25 15.00 -2.82
N LEU B 171 -3.37 14.15 -1.82
CA LEU B 171 -2.53 14.29 -0.62
C LEU B 171 -1.08 14.12 -1.05
N ASP B 172 -0.77 13.08 -1.82
CA ASP B 172 0.66 12.84 -2.14
C ASP B 172 1.16 14.03 -2.94
N THR B 173 0.33 14.55 -3.83
CA THR B 173 0.80 15.60 -4.77
C THR B 173 1.13 16.85 -3.99
N ILE B 174 0.32 17.20 -2.99
CA ILE B 174 0.60 18.45 -2.23
C ILE B 174 1.85 18.24 -1.38
N GLY B 175 1.96 17.09 -0.69
CA GLY B 175 3.16 16.72 0.09
C GLY B 175 4.44 16.84 -0.74
N LEU B 176 4.44 16.34 -1.97
CA LEU B 176 5.66 16.31 -2.81
C LEU B 176 5.94 17.66 -3.48
N CYS B 177 4.92 18.35 -4.01
CA CYS B 177 5.08 19.67 -4.68
C CYS B 177 5.40 20.74 -3.63
N GLY B 178 4.71 20.71 -2.50
CA GLY B 178 4.80 21.82 -1.55
C GLY B 178 5.89 21.61 -0.52
N PHE B 179 6.19 20.36 -0.12
CA PHE B 179 7.16 20.10 0.98
C PHE B 179 8.18 19.03 0.63
N ASN B 180 8.22 18.58 -0.63
CA ASN B 180 9.17 17.50 -1.01
C ASN B 180 9.09 16.40 0.05
N TYR B 181 7.89 16.00 0.46
CA TYR B 181 7.59 14.94 1.46
C TYR B 181 6.64 13.91 0.83
N ARG B 182 6.94 12.63 1.07
CA ARG B 182 6.17 11.48 0.52
C ARG B 182 5.30 10.88 1.61
N PHE B 183 4.01 11.12 1.51
CA PHE B 183 2.98 10.40 2.28
C PHE B 183 2.94 8.91 1.87
N ASN B 184 3.33 8.61 0.62
CA ASN B 184 3.37 7.23 0.08
C ASN B 184 1.97 6.59 0.25
N SER B 185 0.95 7.32 -0.18
CA SER B 185 -0.47 6.98 0.14
C SER B 185 -0.87 5.70 -0.62
N PHE B 186 -0.25 5.47 -1.78
CA PHE B 186 -0.46 4.31 -2.66
C PHE B 186 0.20 3.04 -2.10
N TYR B 187 0.96 3.12 -1.02
CA TYR B 187 1.62 1.98 -0.34
C TYR B 187 0.83 1.65 0.92
N ARG B 188 -0.37 2.21 1.05
CA ARG B 188 -1.20 2.02 2.27
C ARG B 188 -2.62 1.67 1.83
N ASP B 189 -3.17 0.59 2.39
CA ASP B 189 -4.58 0.17 2.12
C ASP B 189 -5.43 0.84 3.18
N GLN B 190 -4.81 1.30 4.28
CA GLN B 190 -5.44 2.15 5.30
C GLN B 190 -5.22 3.59 4.85
N PRO B 191 -5.95 4.57 5.40
CA PRO B 191 -5.56 5.97 5.27
C PRO B 191 -4.33 6.33 6.13
N HIS B 192 -3.49 7.21 5.59
CA HIS B 192 -2.30 7.78 6.27
C HIS B 192 -2.76 8.39 7.61
N PRO B 193 -2.04 8.22 8.74
CA PRO B 193 -2.45 8.79 10.04
C PRO B 193 -3.06 10.20 10.00
N PHE B 194 -2.40 11.08 9.25
CA PHE B 194 -2.74 12.51 9.06
C PHE B 194 -4.15 12.57 8.46
N ILE B 195 -4.41 11.81 7.40
CA ILE B 195 -5.76 11.79 6.75
C ILE B 195 -6.83 11.26 7.73
N THR B 196 -6.49 10.38 8.67
CA THR B 196 -7.41 9.92 9.75
C THR B 196 -7.63 11.06 10.76
N SER B 197 -6.56 11.67 11.29
CA SER B 197 -6.60 12.81 12.23
C SER B 197 -7.34 14.01 11.59
N MET B 198 -6.89 14.47 10.43
CA MET B 198 -7.51 15.57 9.68
C MET B 198 -9.01 15.32 9.57
N VAL B 199 -9.42 14.18 9.00
CA VAL B 199 -10.86 13.88 8.72
C VAL B 199 -11.63 13.97 10.04
N ARG B 200 -11.10 13.37 11.11
CA ARG B 200 -11.76 13.35 12.45
C ARG B 200 -11.91 14.80 12.96
N ALA B 201 -10.82 15.61 12.90
CA ALA B 201 -10.83 17.07 13.24
C ALA B 201 -11.92 17.82 12.45
N LEU B 202 -11.87 17.78 11.12
CA LEU B 202 -12.90 18.39 10.25
C LEU B 202 -14.29 17.95 10.75
N ASP B 203 -14.51 16.64 10.96
CA ASP B 203 -15.83 16.06 11.36
C ASP B 203 -16.15 16.52 12.78
N GLU B 204 -15.13 16.79 13.60
CA GLU B 204 -15.34 17.34 14.97
C GLU B 204 -15.83 18.80 14.84
N ALA B 205 -15.16 19.60 14.01
CA ALA B 205 -15.53 21.00 13.74
C ALA B 205 -16.95 21.07 13.19
N MET B 206 -17.30 20.23 12.22
CA MET B 206 -18.68 20.20 11.63
C MET B 206 -19.68 19.82 12.73
N ASN B 207 -19.35 18.86 13.60
CA ASN B 207 -20.29 18.30 14.60
C ASN B 207 -20.52 19.30 15.71
N LYS B 208 -19.45 20.01 16.09
CA LYS B 208 -19.45 21.11 17.09
C LYS B 208 -20.45 22.21 16.66
N LEU B 209 -20.70 22.39 15.36
CA LEU B 209 -21.64 23.43 14.86
C LEU B 209 -22.97 23.20 15.56
N GLN B 210 -23.40 21.94 15.63
CA GLN B 210 -24.68 21.54 16.26
C GLN B 210 -24.72 21.94 17.74
N ARG B 211 -23.66 21.69 18.52
CA ARG B 211 -23.72 21.77 20.00
C ARG B 211 -24.19 23.16 20.48
N ALA B 212 -25.35 23.24 21.13
CA ALA B 212 -25.79 24.42 21.92
C ALA B 212 -24.96 24.47 23.21
N ASN B 213 -24.66 23.30 23.81
CA ASN B 213 -23.87 23.18 25.08
C ASN B 213 -22.56 22.46 24.79
N PRO B 214 -21.60 23.12 24.12
CA PRO B 214 -20.32 22.51 23.81
C PRO B 214 -19.45 22.29 25.06
N ASP B 215 -19.85 22.84 26.21
CA ASP B 215 -19.11 22.69 27.49
C ASP B 215 -19.62 21.46 28.23
N ASP B 216 -20.76 20.89 27.83
CA ASP B 216 -21.32 19.69 28.50
C ASP B 216 -20.20 18.65 28.63
N PRO B 217 -19.88 18.16 29.85
CA PRO B 217 -18.93 17.05 30.03
C PRO B 217 -19.19 15.76 29.20
N ALA B 218 -20.36 15.65 28.54
CA ALA B 218 -20.68 14.62 27.51
C ALA B 218 -19.60 14.60 26.43
N TYR B 219 -19.14 15.78 25.98
CA TYR B 219 -18.20 15.94 24.84
C TYR B 219 -16.75 15.99 25.30
N ASP B 220 -16.41 15.58 26.54
CA ASP B 220 -15.04 15.67 27.13
C ASP B 220 -14.03 14.78 26.39
N GLU B 221 -14.53 13.70 25.78
CA GLU B 221 -13.76 12.70 24.97
C GLU B 221 -13.45 13.36 23.62
N ASN B 222 -14.48 13.94 22.99
CA ASN B 222 -14.40 14.70 21.72
C ASN B 222 -13.22 15.69 21.80
N LYS B 223 -13.07 16.35 22.96
CA LYS B 223 -12.04 17.38 23.22
C LYS B 223 -10.68 16.70 23.38
N ARG B 224 -10.65 15.52 24.02
CA ARG B 224 -9.44 14.66 24.13
C ARG B 224 -9.04 14.17 22.72
N GLN B 225 -10.00 13.60 21.97
CA GLN B 225 -9.81 13.06 20.60
C GLN B 225 -9.42 14.19 19.64
N PHE B 226 -9.78 15.46 19.91
CA PHE B 226 -9.38 16.67 19.13
C PHE B 226 -7.91 17.00 19.43
N GLN B 227 -7.47 17.07 20.69
CA GLN B 227 -6.06 17.40 21.05
C GLN B 227 -5.12 16.27 20.62
N GLU B 228 -5.66 15.07 20.34
CA GLU B 228 -4.87 13.91 19.82
C GLU B 228 -4.56 14.20 18.34
N ASP B 229 -5.62 14.30 17.53
CA ASP B 229 -5.53 14.62 16.08
C ASP B 229 -4.70 15.90 15.88
N ILE B 230 -4.65 16.81 16.85
CA ILE B 230 -3.87 18.08 16.67
C ILE B 230 -2.40 17.76 16.93
N LYS B 231 -2.10 16.74 17.74
CA LYS B 231 -0.73 16.17 17.91
C LYS B 231 -0.30 15.46 16.61
N VAL B 232 -1.05 14.47 16.10
CA VAL B 232 -0.69 13.72 14.85
C VAL B 232 -0.34 14.75 13.76
N MET B 233 -1.20 15.78 13.58
CA MET B 233 -1.11 16.79 12.48
C MET B 233 0.20 17.55 12.63
N ASN B 234 0.55 17.89 13.87
CA ASN B 234 1.75 18.70 14.21
C ASN B 234 3.01 17.82 14.17
N ASP B 235 2.96 16.57 14.67
CA ASP B 235 4.08 15.59 14.56
C ASP B 235 4.55 15.61 13.10
N LEU B 236 3.66 15.32 12.16
CA LEU B 236 3.96 15.37 10.69
C LEU B 236 4.69 16.66 10.30
N VAL B 237 4.22 17.83 10.79
CA VAL B 237 4.73 19.19 10.41
C VAL B 237 6.17 19.37 10.89
N ASP B 238 6.45 18.91 12.13
CA ASP B 238 7.77 18.96 12.80
C ASP B 238 8.80 18.28 11.90
N LYS B 239 8.33 17.16 11.28
CA LYS B 239 9.09 16.19 10.45
C LYS B 239 9.30 16.74 9.05
N ILE B 240 8.28 17.41 8.47
CA ILE B 240 8.41 18.08 7.15
C ILE B 240 9.46 19.19 7.30
N ILE B 241 9.45 19.91 8.43
CA ILE B 241 10.39 21.05 8.65
C ILE B 241 11.78 20.47 8.91
N ALA B 242 11.93 19.55 9.88
CA ALA B 242 13.21 18.85 10.22
C ALA B 242 13.90 18.30 8.95
N ASP B 243 13.19 17.53 8.10
CA ASP B 243 13.68 17.04 6.78
C ASP B 243 14.30 18.16 5.93
N ARG B 244 13.60 19.27 5.74
CA ARG B 244 14.09 20.40 4.88
C ARG B 244 15.21 21.21 5.56
N LYS B 245 15.15 21.40 6.90
CA LYS B 245 16.22 22.02 7.75
C LYS B 245 17.55 21.27 7.58
N ALA B 246 17.51 19.94 7.46
CA ALA B 246 18.67 19.07 7.17
C ALA B 246 19.30 19.48 5.82
N SER B 247 18.68 19.09 4.70
CA SER B 247 19.28 18.98 3.33
C SER B 247 19.44 20.34 2.62
N GLY B 248 18.90 21.45 3.18
CA GLY B 248 18.99 22.82 2.60
C GLY B 248 17.92 23.02 1.53
N GLU B 249 17.57 24.28 1.20
CA GLU B 249 16.38 24.66 0.38
C GLU B 249 16.53 24.11 -1.05
N GLN B 250 16.52 22.78 -1.20
CA GLN B 250 16.93 22.05 -2.43
C GLN B 250 16.00 22.40 -3.59
N SER B 251 14.74 22.76 -3.30
CA SER B 251 13.67 23.11 -4.29
C SER B 251 13.46 24.64 -4.37
N ASP B 252 12.51 25.08 -5.21
CA ASP B 252 11.94 26.46 -5.23
C ASP B 252 10.42 26.35 -5.06
N ASP B 253 10.04 25.52 -4.07
CA ASP B 253 8.64 25.11 -3.77
C ASP B 253 8.05 25.93 -2.62
N LEU B 254 6.83 25.60 -2.24
CA LEU B 254 6.02 26.25 -1.18
C LEU B 254 6.86 26.40 0.09
N LEU B 255 7.45 25.31 0.60
CA LEU B 255 8.15 25.36 1.93
C LEU B 255 9.36 26.28 1.82
N THR B 256 10.08 26.23 0.71
CA THR B 256 11.25 27.10 0.44
C THR B 256 10.83 28.55 0.69
N HIS B 257 9.74 29.01 0.10
CA HIS B 257 9.26 30.41 0.24
C HIS B 257 8.77 30.65 1.66
N MET B 258 8.17 29.65 2.30
CA MET B 258 7.74 29.81 3.71
C MET B 258 8.99 30.07 4.58
N LEU B 259 10.14 29.45 4.26
CA LEU B 259 11.35 29.55 5.11
C LEU B 259 12.28 30.68 4.67
N ASN B 260 12.25 31.16 3.41
CA ASN B 260 13.28 32.09 2.86
C ASN B 260 12.68 33.33 2.20
N GLY B 261 11.36 33.41 2.10
CA GLY B 261 10.67 34.50 1.40
C GLY B 261 10.46 35.69 2.32
N LYS B 262 10.58 36.89 1.76
CA LYS B 262 10.49 38.14 2.53
C LYS B 262 9.28 38.89 1.99
N ASP B 263 8.32 39.23 2.83
CA ASP B 263 7.23 40.13 2.41
C ASP B 263 7.85 41.40 1.85
N PRO B 264 7.76 41.67 0.53
CA PRO B 264 8.41 42.84 -0.08
C PRO B 264 7.98 44.20 0.49
N GLU B 265 6.89 44.21 1.25
CA GLU B 265 6.32 45.40 1.96
C GLU B 265 7.10 45.61 3.27
N THR B 266 6.96 44.65 4.21
CA THR B 266 7.49 44.70 5.60
C THR B 266 8.99 44.34 5.60
N GLY B 267 9.58 43.83 4.50
CA GLY B 267 10.95 43.23 4.50
C GLY B 267 11.11 41.90 5.27
N GLU B 268 10.07 41.44 6.00
CA GLU B 268 10.11 40.36 7.02
C GLU B 268 9.72 38.98 6.47
N PRO B 269 10.31 37.89 7.00
CA PRO B 269 9.86 36.53 6.70
C PRO B 269 8.71 36.12 7.62
N LEU B 270 8.16 34.91 7.42
CA LEU B 270 7.18 34.34 8.38
C LEU B 270 7.94 33.86 9.62
N ASP B 271 7.29 33.85 10.77
CA ASP B 271 7.85 33.22 12.00
C ASP B 271 7.45 31.71 12.04
N ASP B 272 8.13 30.94 12.91
CA ASP B 272 8.03 29.46 12.96
C ASP B 272 6.58 29.08 13.26
N GLU B 273 5.91 29.76 14.18
CA GLU B 273 4.51 29.43 14.58
C GLU B 273 3.59 29.56 13.34
N ASN B 274 3.72 30.66 12.59
CA ASN B 274 2.91 30.89 11.36
C ASN B 274 3.30 29.92 10.23
N ILE B 275 4.57 29.57 10.06
CA ILE B 275 4.96 28.57 9.03
C ILE B 275 4.23 27.22 9.27
N ARG B 276 4.13 26.75 10.51
CA ARG B 276 3.47 25.47 10.86
C ARG B 276 2.03 25.52 10.38
N TYR B 277 1.32 26.59 10.77
CA TYR B 277 -0.09 26.84 10.38
C TYR B 277 -0.21 26.80 8.85
N GLN B 278 0.68 27.46 8.12
CA GLN B 278 0.65 27.45 6.63
C GLN B 278 0.80 26.00 6.11
N ILE B 279 1.66 25.18 6.73
CA ILE B 279 1.87 23.78 6.24
C ILE B 279 0.57 22.96 6.44
N ILE B 280 0.02 23.00 7.66
CA ILE B 280 -1.27 22.38 8.02
C ILE B 280 -2.32 22.88 7.03
N THR B 281 -2.38 24.18 6.78
CA THR B 281 -3.39 24.80 5.87
C THR B 281 -3.24 24.23 4.48
N PHE B 282 -2.02 24.32 3.94
CA PHE B 282 -1.74 23.84 2.57
C PHE B 282 -1.98 22.34 2.48
N LEU B 283 -1.70 21.55 3.51
CA LEU B 283 -1.88 20.07 3.43
C LEU B 283 -3.38 19.77 3.35
N ILE B 284 -4.18 20.51 4.08
CA ILE B 284 -5.64 20.28 4.08
C ILE B 284 -6.26 20.87 2.80
N ALA B 285 -6.14 22.15 2.58
CA ALA B 285 -6.84 22.88 1.50
C ALA B 285 -6.18 22.56 0.18
N GLY B 286 -4.96 22.04 0.23
CA GLY B 286 -4.12 21.72 -0.94
C GLY B 286 -4.43 20.33 -1.47
N HIS B 287 -5.28 19.55 -0.78
CA HIS B 287 -5.73 18.26 -1.39
C HIS B 287 -7.23 17.90 -1.27
N GLU B 288 -7.89 18.16 -0.12
CA GLU B 288 -9.24 17.61 0.18
C GLU B 288 -10.26 18.11 -0.84
N THR B 289 -10.16 19.33 -1.34
CA THR B 289 -11.14 19.81 -2.33
C THR B 289 -10.81 19.23 -3.70
N THR B 290 -9.53 19.13 -4.08
CA THR B 290 -9.11 18.65 -5.43
C THR B 290 -9.54 17.18 -5.59
N SER B 291 -9.42 16.41 -4.51
CA SER B 291 -9.91 15.02 -4.33
C SER B 291 -11.41 14.95 -4.61
N GLY B 292 -12.18 15.83 -3.98
CA GLY B 292 -13.62 15.90 -4.22
C GLY B 292 -13.91 16.23 -5.67
N LEU B 293 -13.17 17.21 -6.19
CA LEU B 293 -13.40 17.70 -7.56
C LEU B 293 -13.23 16.51 -8.49
N LEU B 294 -12.12 15.79 -8.36
CA LEU B 294 -11.80 14.66 -9.28
C LEU B 294 -12.88 13.56 -9.11
N SER B 295 -13.31 13.34 -7.90
CA SER B 295 -14.30 12.30 -7.62
C SER B 295 -15.60 12.71 -8.34
N PHE B 296 -16.04 13.96 -8.16
CA PHE B 296 -17.30 14.46 -8.77
C PHE B 296 -17.16 14.42 -10.29
N ALA B 297 -16.00 14.84 -10.80
CA ALA B 297 -15.74 14.86 -12.26
C ALA B 297 -15.96 13.44 -12.76
N LEU B 298 -15.30 12.46 -12.15
CA LEU B 298 -15.36 11.07 -12.68
C LEU B 298 -16.79 10.54 -12.55
N TYR B 299 -17.54 10.93 -11.50
CA TYR B 299 -18.96 10.58 -11.31
C TYR B 299 -19.76 11.13 -12.49
N PHE B 300 -19.71 12.43 -12.70
CA PHE B 300 -20.52 13.02 -13.80
C PHE B 300 -20.12 12.35 -15.10
N LEU B 301 -18.85 12.00 -15.29
CA LEU B 301 -18.41 11.42 -16.59
C LEU B 301 -19.13 10.09 -16.78
N VAL B 302 -19.13 9.20 -15.79
CA VAL B 302 -19.72 7.85 -15.99
C VAL B 302 -21.24 7.98 -16.08
N LYS B 303 -21.85 9.00 -15.48
CA LYS B 303 -23.31 9.18 -15.57
C LYS B 303 -23.69 9.87 -16.88
N ASN B 304 -22.72 10.41 -17.62
CA ASN B 304 -22.96 11.18 -18.87
C ASN B 304 -21.99 10.68 -19.94
N PRO B 305 -22.21 9.48 -20.53
CA PRO B 305 -21.25 8.87 -21.47
C PRO B 305 -20.87 9.71 -22.71
N HIS B 306 -21.80 10.54 -23.21
CA HIS B 306 -21.55 11.40 -24.40
C HIS B 306 -20.43 12.36 -24.02
N VAL B 307 -20.47 12.86 -22.78
CA VAL B 307 -19.43 13.76 -22.20
C VAL B 307 -18.12 12.99 -21.99
N LEU B 308 -18.19 11.81 -21.35
CA LEU B 308 -17.01 10.93 -21.10
C LEU B 308 -16.30 10.70 -22.45
N GLN B 309 -17.02 10.17 -23.45
CA GLN B 309 -16.53 9.89 -24.84
C GLN B 309 -15.78 11.10 -25.41
N LYS B 310 -16.33 12.32 -25.23
CA LYS B 310 -15.80 13.57 -25.81
C LYS B 310 -14.52 13.98 -25.06
N ALA B 311 -14.53 13.90 -23.73
CA ALA B 311 -13.31 14.15 -22.91
C ALA B 311 -12.27 13.10 -23.28
N ALA B 312 -12.71 11.84 -23.33
CA ALA B 312 -11.87 10.67 -23.68
C ALA B 312 -11.23 10.95 -25.04
N GLU B 313 -12.00 11.38 -26.04
CA GLU B 313 -11.41 11.71 -27.38
C GLU B 313 -10.37 12.82 -27.22
N GLU B 314 -10.65 13.88 -26.46
CA GLU B 314 -9.66 14.98 -26.30
C GLU B 314 -8.38 14.40 -25.67
N ALA B 315 -8.49 13.52 -24.67
CA ALA B 315 -7.29 12.97 -24.01
C ALA B 315 -6.45 12.25 -25.08
N ALA B 316 -7.09 11.40 -25.89
CA ALA B 316 -6.40 10.56 -26.90
C ALA B 316 -5.69 11.45 -27.91
N ARG B 317 -6.34 12.57 -28.30
CA ARG B 317 -5.88 13.51 -29.36
C ARG B 317 -4.60 14.21 -28.87
N VAL B 318 -4.58 14.65 -27.61
CA VAL B 318 -3.60 15.65 -27.08
C VAL B 318 -2.40 14.96 -26.44
N LEU B 319 -2.66 13.98 -25.56
CA LEU B 319 -1.64 13.31 -24.70
C LEU B 319 -0.99 12.19 -25.49
N VAL B 320 -0.25 12.50 -26.55
CA VAL B 320 0.20 11.48 -27.53
C VAL B 320 1.56 10.87 -27.09
N ASP B 321 2.14 11.32 -25.95
CA ASP B 321 3.44 10.88 -25.41
C ASP B 321 3.25 10.07 -24.13
N PRO B 322 4.29 9.36 -23.62
CA PRO B 322 4.12 8.41 -22.53
C PRO B 322 3.53 9.15 -21.33
N VAL B 323 4.18 10.25 -20.99
CA VAL B 323 3.73 11.21 -19.95
C VAL B 323 3.12 12.43 -20.64
N PRO B 324 2.27 13.20 -19.95
CA PRO B 324 1.93 14.54 -20.39
C PRO B 324 3.04 15.57 -20.09
N SER B 325 3.21 16.53 -21.00
CA SER B 325 4.01 17.77 -20.82
C SER B 325 3.11 18.83 -20.16
N TYR B 326 3.72 19.82 -19.52
CA TYR B 326 3.04 21.01 -18.94
C TYR B 326 2.16 21.69 -19.99
N LYS B 327 2.73 21.96 -21.17
CA LYS B 327 2.00 22.60 -22.30
C LYS B 327 0.88 21.67 -22.72
N GLN B 328 1.14 20.37 -22.85
CA GLN B 328 0.12 19.38 -23.25
C GLN B 328 -1.08 19.46 -22.29
N VAL B 329 -0.83 19.51 -20.97
CA VAL B 329 -1.89 19.60 -19.93
C VAL B 329 -2.69 20.86 -20.22
N LYS B 330 -2.01 21.99 -20.45
CA LYS B 330 -2.64 23.29 -20.79
C LYS B 330 -3.56 23.16 -22.01
N GLN B 331 -3.35 22.20 -22.90
CA GLN B 331 -4.13 22.01 -24.16
C GLN B 331 -5.40 21.18 -23.92
N LEU B 332 -5.62 20.62 -22.72
CA LEU B 332 -6.85 19.83 -22.46
C LEU B 332 -8.02 20.75 -22.08
N LYS B 333 -8.53 21.49 -23.07
CA LYS B 333 -9.50 22.58 -22.80
C LYS B 333 -10.80 21.94 -22.34
N TYR B 334 -11.22 20.86 -23.00
CA TYR B 334 -12.52 20.17 -22.70
C TYR B 334 -12.48 19.51 -21.31
N VAL B 335 -11.37 18.89 -20.91
CA VAL B 335 -11.27 18.31 -19.53
C VAL B 335 -11.36 19.48 -18.54
N GLY B 336 -10.66 20.58 -18.81
CA GLY B 336 -10.78 21.85 -18.07
C GLY B 336 -12.24 22.22 -17.88
N MET B 337 -13.00 22.20 -18.97
CA MET B 337 -14.42 22.61 -18.91
C MET B 337 -15.20 21.60 -18.07
N VAL B 338 -14.91 20.30 -18.22
CA VAL B 338 -15.55 19.22 -17.41
C VAL B 338 -15.34 19.51 -15.91
N LEU B 339 -14.18 20.03 -15.55
CA LEU B 339 -13.80 20.24 -14.12
C LEU B 339 -14.62 21.42 -13.58
N ASN B 340 -14.69 22.48 -14.38
CA ASN B 340 -15.50 23.70 -14.06
C ASN B 340 -16.97 23.30 -13.86
N GLU B 341 -17.50 22.43 -14.72
CA GLU B 341 -18.93 22.02 -14.64
C GLU B 341 -19.18 21.12 -13.41
N ALA B 342 -18.18 20.33 -13.01
CA ALA B 342 -18.25 19.50 -11.78
C ALA B 342 -18.19 20.44 -10.58
N LEU B 343 -17.29 21.43 -10.62
CA LEU B 343 -17.30 22.51 -9.59
C LEU B 343 -18.64 23.28 -9.62
N ARG B 344 -19.31 23.41 -10.77
CA ARG B 344 -20.59 24.17 -10.77
C ARG B 344 -21.59 23.38 -9.95
N LEU B 345 -21.77 22.09 -10.23
CA LEU B 345 -22.86 21.31 -9.55
C LEU B 345 -22.50 20.99 -8.11
N TRP B 346 -21.22 20.70 -7.83
CA TRP B 346 -20.81 20.25 -6.46
C TRP B 346 -19.51 20.90 -6.06
N PRO B 347 -19.53 22.23 -5.82
CA PRO B 347 -18.32 22.93 -5.39
C PRO B 347 -17.85 22.32 -4.07
N THR B 348 -16.61 21.82 -4.03
CA THR B 348 -16.17 20.88 -2.98
C THR B 348 -15.93 21.62 -1.68
N ALA B 349 -15.63 22.91 -1.74
CA ALA B 349 -15.72 23.84 -0.60
C ALA B 349 -17.07 24.57 -0.72
N PRO B 350 -18.17 24.08 -0.11
CA PRO B 350 -19.50 24.49 -0.59
C PRO B 350 -19.98 25.89 -0.16
N ALA B 351 -19.22 26.58 0.68
CA ALA B 351 -19.62 27.88 1.27
C ALA B 351 -18.39 28.72 1.65
N PHE B 352 -18.60 30.04 1.66
CA PHE B 352 -17.72 31.00 2.34
C PHE B 352 -18.56 32.08 2.95
N SER B 353 -17.98 32.76 3.93
CA SER B 353 -18.71 33.75 4.76
C SER B 353 -18.16 35.16 4.53
N LEU B 354 -19.04 36.17 4.69
CA LEU B 354 -18.72 37.61 4.55
C LEU B 354 -19.37 38.38 5.70
N TYR B 355 -18.82 39.55 6.02
CA TYR B 355 -19.45 40.48 6.99
C TYR B 355 -19.48 41.85 6.35
N ALA B 356 -20.53 42.62 6.63
CA ALA B 356 -20.68 44.00 6.12
C ALA B 356 -19.61 44.88 6.77
N LYS B 357 -18.78 45.54 5.98
CA LYS B 357 -17.75 46.47 6.51
C LYS B 357 -18.39 47.77 7.08
N GLU B 358 -19.59 48.15 6.61
CA GLU B 358 -20.39 49.29 7.13
C GLU B 358 -21.87 48.98 6.90
N ASP B 359 -22.77 49.87 7.35
CA ASP B 359 -24.21 49.82 6.98
C ASP B 359 -24.31 49.84 5.46
N THR B 360 -25.19 49.01 4.92
CA THR B 360 -25.43 48.93 3.46
C THR B 360 -26.77 48.22 3.26
N VAL B 361 -27.20 48.22 2.00
CA VAL B 361 -28.50 47.63 1.57
C VAL B 361 -28.21 46.60 0.47
N LEU B 362 -28.65 45.36 0.69
CA LEU B 362 -28.43 44.26 -0.25
C LEU B 362 -29.60 44.24 -1.24
N GLY B 363 -29.30 44.35 -2.53
CA GLY B 363 -30.29 44.24 -3.62
C GLY B 363 -31.47 45.20 -3.43
N GLY B 364 -31.21 46.43 -2.98
CA GLY B 364 -32.24 47.45 -2.77
C GLY B 364 -33.31 47.05 -1.76
N GLU B 365 -33.25 45.89 -1.08
CA GLU B 365 -34.40 45.33 -0.34
C GLU B 365 -34.05 44.95 1.10
N TYR B 366 -32.78 44.72 1.45
CA TYR B 366 -32.35 44.05 2.71
C TYR B 366 -31.31 44.91 3.41
N PRO B 367 -31.70 45.59 4.50
CA PRO B 367 -30.77 46.48 5.19
C PRO B 367 -29.82 45.65 6.05
N LEU B 368 -28.54 45.95 5.96
CA LEU B 368 -27.53 45.31 6.82
C LEU B 368 -26.83 46.38 7.65
N GLU B 369 -26.70 46.12 8.95
CA GLU B 369 -25.81 46.86 9.88
C GLU B 369 -24.40 46.29 9.80
N LYS B 370 -23.42 47.10 10.20
CA LYS B 370 -21.99 46.76 10.18
C LYS B 370 -21.81 45.48 11.00
N GLY B 371 -21.02 44.55 10.47
CA GLY B 371 -20.69 43.29 11.17
C GLY B 371 -21.69 42.18 10.89
N ASP B 372 -22.77 42.46 10.19
CA ASP B 372 -23.77 41.43 9.81
C ASP B 372 -23.06 40.42 8.89
N GLU B 373 -23.26 39.13 9.20
CA GLU B 373 -22.67 37.96 8.50
C GLU B 373 -23.56 37.52 7.34
N LEU B 374 -22.96 37.19 6.21
CA LEU B 374 -23.63 36.45 5.15
C LEU B 374 -22.92 35.10 4.98
N MET B 375 -23.65 34.08 4.57
CA MET B 375 -23.10 32.84 3.99
C MET B 375 -23.51 32.77 2.52
N VAL B 376 -22.55 32.51 1.60
CA VAL B 376 -22.78 32.21 0.16
C VAL B 376 -22.89 30.70 -0.05
N LEU B 377 -24.11 30.24 -0.36
CA LEU B 377 -24.41 28.81 -0.55
C LEU B 377 -24.05 28.49 -1.98
N ILE B 378 -22.82 28.07 -2.23
CA ILE B 378 -22.28 28.06 -3.61
C ILE B 378 -23.06 27.08 -4.46
N PRO B 379 -23.36 25.84 -4.01
CA PRO B 379 -24.07 24.91 -4.89
C PRO B 379 -25.43 25.52 -5.33
N GLN B 380 -26.11 26.31 -4.49
CA GLN B 380 -27.36 27.00 -4.88
C GLN B 380 -27.04 28.11 -5.88
N LEU B 381 -26.09 29.00 -5.58
CA LEU B 381 -25.68 30.03 -6.56
C LEU B 381 -25.54 29.36 -7.93
N HIS B 382 -24.97 28.15 -7.97
CA HIS B 382 -24.62 27.46 -9.23
C HIS B 382 -25.86 26.84 -9.89
N ARG B 383 -27.01 26.88 -9.21
CA ARG B 383 -28.32 26.36 -9.69
C ARG B 383 -29.30 27.50 -10.00
N ASP B 384 -28.83 28.73 -10.16
CA ASP B 384 -29.67 29.91 -10.47
C ASP B 384 -30.17 29.78 -11.92
N LYS B 385 -31.49 29.52 -12.09
CA LYS B 385 -32.10 29.28 -13.43
C LYS B 385 -31.92 30.52 -14.31
N THR B 386 -31.96 31.72 -13.72
CA THR B 386 -31.83 33.03 -14.42
C THR B 386 -30.42 33.19 -15.00
N ILE B 387 -29.43 32.52 -14.44
CA ILE B 387 -28.06 32.57 -15.01
C ILE B 387 -27.88 31.42 -15.98
N TRP B 388 -28.16 30.18 -15.57
CA TRP B 388 -27.70 28.96 -16.30
C TRP B 388 -28.78 28.46 -17.29
N GLY B 389 -30.00 28.98 -17.20
CA GLY B 389 -31.15 28.48 -17.97
C GLY B 389 -31.83 27.38 -17.20
N ASP B 390 -32.70 26.62 -17.87
CA ASP B 390 -33.71 25.76 -17.21
C ASP B 390 -33.10 24.40 -16.85
N ASP B 391 -32.18 23.91 -17.72
CA ASP B 391 -31.48 22.60 -17.65
C ASP B 391 -30.32 22.68 -16.64
N VAL B 392 -30.55 23.33 -15.50
CA VAL B 392 -29.48 23.73 -14.55
C VAL B 392 -28.95 22.46 -13.86
N GLU B 393 -29.78 21.41 -13.79
CA GLU B 393 -29.41 20.16 -13.09
C GLU B 393 -28.61 19.27 -14.05
N GLU B 394 -28.54 19.60 -15.34
CA GLU B 394 -27.84 18.80 -16.40
C GLU B 394 -26.35 19.13 -16.33
N PHE B 395 -25.50 18.12 -16.56
CA PHE B 395 -24.02 18.22 -16.57
C PHE B 395 -23.62 18.50 -18.00
N ARG B 396 -23.40 19.76 -18.34
CA ARG B 396 -23.14 20.17 -19.74
C ARG B 396 -21.91 21.06 -19.75
N PRO B 397 -20.71 20.45 -19.87
CA PRO B 397 -19.44 21.20 -19.84
C PRO B 397 -19.39 22.38 -20.83
N GLU B 398 -20.28 22.38 -21.82
CA GLU B 398 -20.33 23.37 -22.94
C GLU B 398 -20.59 24.78 -22.37
N ARG B 399 -21.31 24.90 -21.26
CA ARG B 399 -21.54 26.19 -20.55
C ARG B 399 -20.25 27.04 -20.43
N PHE B 400 -19.06 26.42 -20.41
CA PHE B 400 -17.82 27.17 -20.13
C PHE B 400 -17.01 27.46 -21.41
N GLU B 401 -17.60 27.37 -22.59
CA GLU B 401 -16.89 27.71 -23.87
C GLU B 401 -16.44 29.17 -23.85
N ASN B 402 -17.16 30.10 -23.20
CA ASN B 402 -16.74 31.53 -23.17
C ASN B 402 -16.99 32.16 -21.80
N PRO B 403 -15.92 32.47 -21.02
CA PRO B 403 -16.06 33.14 -19.72
C PRO B 403 -16.66 34.56 -19.78
N SER B 404 -16.48 35.23 -20.90
CA SER B 404 -17.04 36.60 -21.14
C SER B 404 -18.56 36.52 -21.26
N ALA B 405 -19.15 35.36 -21.52
CA ALA B 405 -20.61 35.25 -21.64
C ALA B 405 -21.24 34.96 -20.29
N ILE B 406 -20.45 34.71 -19.26
CA ILE B 406 -21.00 34.37 -17.91
C ILE B 406 -21.06 35.62 -17.06
N PRO B 407 -22.27 35.96 -16.57
CA PRO B 407 -22.41 37.16 -15.75
C PRO B 407 -21.42 37.14 -14.57
N GLN B 408 -21.16 38.34 -14.04
CA GLN B 408 -20.19 38.56 -12.94
C GLN B 408 -20.67 37.77 -11.74
N HIS B 409 -19.76 37.05 -11.14
CA HIS B 409 -19.96 36.39 -9.82
C HIS B 409 -21.05 35.31 -9.91
N ALA B 410 -21.30 34.73 -11.08
CA ALA B 410 -22.20 33.54 -11.26
C ALA B 410 -21.55 32.22 -10.84
N PHE B 411 -20.22 32.17 -10.87
CA PHE B 411 -19.40 30.95 -10.70
C PHE B 411 -18.27 31.21 -9.72
N LYS B 412 -18.43 30.79 -8.47
CA LYS B 412 -17.58 31.17 -7.32
C LYS B 412 -17.05 29.95 -6.59
N PRO B 413 -16.64 28.87 -7.27
CA PRO B 413 -16.13 27.71 -6.56
C PRO B 413 -14.83 27.93 -5.75
N PHE B 414 -14.09 28.99 -6.08
CA PHE B 414 -12.78 29.38 -5.49
C PHE B 414 -12.89 30.68 -4.69
N GLY B 415 -14.10 31.02 -4.21
CA GLY B 415 -14.32 32.22 -3.38
C GLY B 415 -14.15 33.50 -4.18
N ASN B 416 -13.68 34.55 -3.51
CA ASN B 416 -13.88 35.95 -3.98
C ASN B 416 -12.72 36.88 -3.62
N GLY B 417 -12.32 37.67 -4.61
CA GLY B 417 -11.37 38.79 -4.52
C GLY B 417 -10.01 38.40 -3.96
N GLN B 418 -9.46 39.26 -3.12
CA GLN B 418 -8.09 39.09 -2.56
C GLN B 418 -8.07 37.85 -1.63
N ARG B 419 -9.25 37.41 -1.18
CA ARG B 419 -9.40 36.23 -0.30
C ARG B 419 -9.76 35.00 -1.11
N ALA B 420 -9.62 35.07 -2.44
CA ALA B 420 -9.97 33.94 -3.34
C ALA B 420 -8.85 32.90 -3.23
N CYS B 421 -9.05 31.72 -3.80
CA CYS B 421 -8.08 30.61 -3.80
C CYS B 421 -6.78 31.03 -4.49
N PRO B 422 -5.61 30.92 -3.79
CA PRO B 422 -4.32 31.07 -4.46
C PRO B 422 -3.83 29.83 -5.20
N GLY B 423 -4.53 28.71 -4.98
CA GLY B 423 -4.18 27.36 -5.47
C GLY B 423 -5.08 26.93 -6.62
N GLN B 424 -5.90 27.84 -7.09
CA GLN B 424 -6.81 27.52 -8.19
C GLN B 424 -6.03 26.93 -9.35
N GLN B 425 -5.01 27.63 -9.87
CA GLN B 425 -4.23 27.16 -11.05
C GLN B 425 -3.59 25.78 -10.72
N PHE B 426 -3.11 25.59 -9.50
CA PHE B 426 -2.40 24.36 -9.05
C PHE B 426 -3.40 23.21 -9.04
N ALA B 427 -4.55 23.40 -8.38
CA ALA B 427 -5.61 22.39 -8.32
C ALA B 427 -6.10 22.07 -9.72
N LEU B 428 -6.42 23.06 -10.57
CA LEU B 428 -6.99 22.73 -11.90
C LEU B 428 -5.95 22.00 -12.77
N HIS B 429 -4.70 22.39 -12.65
CA HIS B 429 -3.60 21.75 -13.42
C HIS B 429 -3.48 20.28 -12.98
N GLU B 430 -3.48 20.02 -11.68
CA GLU B 430 -3.36 18.65 -11.14
C GLU B 430 -4.52 17.84 -11.70
N ALA B 431 -5.73 18.37 -11.55
CA ALA B 431 -7.00 17.67 -11.88
C ALA B 431 -7.09 17.35 -13.38
N THR B 432 -6.70 18.30 -14.22
CA THR B 432 -6.64 18.20 -15.71
C THR B 432 -5.63 17.10 -16.09
N LEU B 433 -4.41 17.23 -15.60
CA LEU B 433 -3.34 16.24 -15.80
C LEU B 433 -3.86 14.84 -15.44
N VAL B 434 -4.27 14.66 -14.20
CA VAL B 434 -4.72 13.34 -13.68
C VAL B 434 -5.92 12.83 -14.50
N LEU B 435 -6.94 13.68 -14.69
CA LEU B 435 -8.19 13.26 -15.36
C LEU B 435 -7.87 12.96 -16.83
N GLY B 436 -6.98 13.75 -17.44
CA GLY B 436 -6.50 13.50 -18.81
C GLY B 436 -5.94 12.09 -18.93
N MET B 437 -5.03 11.77 -18.01
CA MET B 437 -4.24 10.51 -18.01
C MET B 437 -5.20 9.36 -17.72
N MET B 438 -6.17 9.57 -16.83
CA MET B 438 -7.23 8.56 -16.59
C MET B 438 -8.04 8.30 -17.87
N LEU B 439 -8.47 9.34 -18.60
CA LEU B 439 -9.34 9.14 -19.80
C LEU B 439 -8.51 8.53 -20.94
N LYS B 440 -7.21 8.83 -20.97
CA LYS B 440 -6.28 8.33 -22.01
C LYS B 440 -6.03 6.82 -21.87
N HIS B 441 -5.85 6.33 -20.63
CA HIS B 441 -5.27 4.99 -20.31
C HIS B 441 -6.36 3.97 -20.00
N PHE B 442 -7.59 4.36 -19.71
CA PHE B 442 -8.67 3.45 -19.25
C PHE B 442 -10.04 3.84 -19.80
N ASP B 443 -10.87 2.80 -20.02
CA ASP B 443 -12.34 2.88 -20.13
C ASP B 443 -12.93 2.64 -18.73
N PHE B 444 -14.00 3.30 -18.36
CA PHE B 444 -14.63 3.19 -17.02
C PHE B 444 -16.05 2.69 -17.13
N GLU B 445 -16.54 2.03 -16.09
CA GLU B 445 -17.90 1.44 -16.08
C GLU B 445 -18.51 1.64 -14.69
N ASP B 446 -19.74 2.19 -14.63
CA ASP B 446 -20.54 2.42 -13.39
C ASP B 446 -21.30 1.11 -13.13
N HIS B 447 -20.55 0.07 -12.78
CA HIS B 447 -20.98 -1.36 -12.73
C HIS B 447 -21.99 -1.52 -11.59
N THR B 448 -22.03 -0.59 -10.63
CA THR B 448 -23.03 -0.64 -9.51
C THR B 448 -24.22 0.28 -9.73
N ASN B 449 -24.24 1.03 -10.84
CA ASN B 449 -25.27 2.09 -11.04
C ASN B 449 -25.29 2.93 -9.74
N TYR B 450 -24.12 3.49 -9.40
CA TYR B 450 -23.90 4.23 -8.12
C TYR B 450 -24.95 5.36 -7.99
N GLU B 451 -25.70 5.35 -6.88
CA GLU B 451 -26.58 6.46 -6.44
C GLU B 451 -25.71 7.43 -5.66
N LEU B 452 -25.59 8.66 -6.15
CA LEU B 452 -24.69 9.68 -5.59
C LEU B 452 -25.06 9.83 -4.12
N ASP B 453 -24.05 9.76 -3.26
CA ASP B 453 -24.17 9.91 -1.79
C ASP B 453 -23.05 10.84 -1.34
N ILE B 454 -23.39 12.06 -0.96
CA ILE B 454 -22.40 13.12 -0.76
C ILE B 454 -22.09 13.17 0.73
N LYS B 455 -20.85 12.85 1.08
CA LYS B 455 -20.36 12.95 2.47
C LYS B 455 -19.86 14.37 2.67
N GLU B 456 -20.12 14.92 3.85
CA GLU B 456 -19.72 16.28 4.25
C GLU B 456 -18.78 16.16 5.43
N THR B 457 -17.58 16.73 5.26
CA THR B 457 -16.58 17.04 6.31
C THR B 457 -16.27 18.54 6.21
N LEU B 458 -17.31 19.36 6.35
CA LEU B 458 -17.29 20.76 5.86
C LEU B 458 -17.19 20.74 4.31
N THR B 459 -16.06 20.26 3.74
CA THR B 459 -15.92 19.93 2.29
C THR B 459 -16.83 18.77 1.84
N LEU B 460 -17.07 18.65 0.54
CA LEU B 460 -18.04 17.70 -0.06
C LEU B 460 -17.32 16.64 -0.89
N LYS B 461 -17.78 15.40 -0.84
CA LYS B 461 -17.10 14.29 -1.54
C LYS B 461 -18.10 13.18 -1.77
N PRO B 462 -18.10 12.55 -2.96
CA PRO B 462 -18.84 11.30 -3.15
C PRO B 462 -18.31 10.27 -2.15
N GLU B 463 -19.23 9.52 -1.57
CA GLU B 463 -19.01 8.41 -0.61
C GLU B 463 -19.46 7.14 -1.29
N GLY B 464 -18.64 6.09 -1.21
CA GLY B 464 -18.91 4.73 -1.70
C GLY B 464 -18.98 4.65 -3.22
N PHE B 465 -18.49 5.66 -3.94
CA PHE B 465 -18.41 5.66 -5.41
C PHE B 465 -17.24 4.71 -5.76
N VAL B 466 -17.57 3.68 -6.52
CA VAL B 466 -16.66 2.67 -7.10
C VAL B 466 -17.00 2.57 -8.61
N VAL B 467 -15.99 2.22 -9.39
CA VAL B 467 -16.11 1.91 -10.86
C VAL B 467 -15.12 0.81 -11.20
N LYS B 468 -15.22 0.18 -12.37
CA LYS B 468 -14.18 -0.69 -12.93
C LYS B 468 -13.51 0.07 -14.06
N ALA B 469 -12.23 -0.20 -14.28
CA ALA B 469 -11.40 0.45 -15.31
C ALA B 469 -10.82 -0.63 -16.20
N LYS B 470 -11.40 -0.86 -17.38
CA LYS B 470 -10.80 -1.78 -18.38
C LYS B 470 -9.62 -1.02 -18.95
N SER B 471 -8.39 -1.47 -18.71
CA SER B 471 -7.18 -0.81 -19.27
C SER B 471 -7.29 -0.77 -20.79
N LYS B 472 -6.66 0.26 -21.38
CA LYS B 472 -6.53 0.44 -22.85
C LYS B 472 -5.14 -0.01 -23.29
N LYS B 473 -4.34 -0.54 -22.37
CA LYS B 473 -3.02 -1.15 -22.67
C LYS B 473 -2.17 -0.13 -23.45
N ILE B 474 -2.24 1.14 -23.13
CA ILE B 474 -1.27 2.12 -23.70
C ILE B 474 -0.09 2.17 -22.74
N PRO B 475 1.17 1.97 -23.20
CA PRO B 475 2.34 2.00 -22.32
C PRO B 475 2.50 3.40 -21.73
N LEU B 476 3.41 3.54 -20.76
CA LEU B 476 3.43 4.71 -19.83
C LEU B 476 4.85 5.27 -19.72
#